data_1GO9
# 
_entry.id   1GO9 
# 
_audit_conform.dict_name       mmcif_pdbx.dic 
_audit_conform.dict_version    5.403 
_audit_conform.dict_location   http://mmcif.pdb.org/dictionaries/ascii/mmcif_pdbx.dic 
# 
loop_
_database_2.database_id 
_database_2.database_code 
_database_2.pdbx_database_accession 
_database_2.pdbx_DOI 
PDB   1GO9         pdb_00001go9 10.2210/pdb1go9/pdb 
PDBE  EBI-8727     ?            ?                   
WWPDB D_1290008727 ?            ?                   
# 
loop_
_pdbx_audit_revision_history.ordinal 
_pdbx_audit_revision_history.data_content_type 
_pdbx_audit_revision_history.major_revision 
_pdbx_audit_revision_history.minor_revision 
_pdbx_audit_revision_history.revision_date 
_pdbx_audit_revision_history.part_number 
1 'Structure model' 1 0 2001-10-31 ? 
2 'Structure model' 1 1 2016-12-21 ? 
3 'Structure model' 1 2 2025-04-09 ? 
# 
_pdbx_audit_revision_details.ordinal             1 
_pdbx_audit_revision_details.revision_ordinal    1 
_pdbx_audit_revision_details.data_content_type   'Structure model' 
_pdbx_audit_revision_details.provider            repository 
_pdbx_audit_revision_details.type                'Initial release' 
_pdbx_audit_revision_details.description         ? 
_pdbx_audit_revision_details.details             ? 
# 
loop_
_pdbx_audit_revision_group.ordinal 
_pdbx_audit_revision_group.revision_ordinal 
_pdbx_audit_revision_group.data_content_type 
_pdbx_audit_revision_group.group 
1  2 'Structure model' 'Database references'       
2  2 'Structure model' 'Derived calculations'      
3  2 'Structure model' Other                       
4  2 'Structure model' 'Source and taxonomy'       
5  2 'Structure model' 'Structure summary'         
6  2 'Structure model' 'Version format compliance' 
7  3 'Structure model' 'Data collection'           
8  3 'Structure model' 'Database references'       
9  3 'Structure model' 'Derived calculations'      
10 3 'Structure model' 'Structure summary'         
# 
loop_
_pdbx_audit_revision_category.ordinal 
_pdbx_audit_revision_category.revision_ordinal 
_pdbx_audit_revision_category.data_content_type 
_pdbx_audit_revision_category.category 
1 3 'Structure model' chem_comp_atom            
2 3 'Structure model' chem_comp_bond            
3 3 'Structure model' database_2                
4 3 'Structure model' pdbx_entry_details        
5 3 'Structure model' pdbx_modification_feature 
6 3 'Structure model' pdbx_nmr_software         
7 3 'Structure model' struct_conn               
# 
loop_
_pdbx_audit_revision_item.ordinal 
_pdbx_audit_revision_item.revision_ordinal 
_pdbx_audit_revision_item.data_content_type 
_pdbx_audit_revision_item.item 
1 3 'Structure model' '_database_2.pdbx_DOI'                
2 3 'Structure model' '_database_2.pdbx_database_accession' 
3 3 'Structure model' '_pdbx_nmr_software.name'             
4 3 'Structure model' '_struct_conn.pdbx_leaving_atom_flag' 
# 
_pdbx_database_status.status_code                     REL 
_pdbx_database_status.entry_id                        1GO9 
_pdbx_database_status.deposit_site                    PDBE 
_pdbx_database_status.process_site                    PDBE 
_pdbx_database_status.SG_entry                        . 
_pdbx_database_status.recvd_initial_deposition_date   2001-10-20 
_pdbx_database_status.pdb_format_compatible           Y 
_pdbx_database_status.status_code_sf                  ? 
_pdbx_database_status.status_code_mr                  ? 
_pdbx_database_status.status_code_cs                  ? 
_pdbx_database_status.methods_development_category    ? 
_pdbx_database_status.status_code_nmr_data            ? 
# 
loop_
_audit_author.name 
_audit_author.pdbx_ordinal 
'Spyroulias, G.A.'  1 
'Papazacharias, S.' 2 
'Pairas, G.'        3 
'Cordopatis, P.'    4 
# 
loop_
_citation.id 
_citation.title 
_citation.journal_abbrev 
_citation.journal_volume 
_citation.page_first 
_citation.page_last 
_citation.year 
_citation.journal_id_ASTM 
_citation.country 
_citation.journal_id_ISSN 
_citation.journal_id_CSD 
_citation.book_publisher 
_citation.pdbx_database_id_PubMed 
_citation.pdbx_database_id_DOI 
primary 
;Monitoring the Structural Consequences of Phe12-->D-Phe and Leu15-->Aib Substitution in Human/Rat Corticotropin Releasing Hormone. Implications for Design of Crh Antagonists.
;
Eur.J.Biochem. 269 6009 ? 2002 EJBCAI IX 0014-2956 0262 ? 12473096 10.1046/J.1432-1033.2002.03278.X 
1       
'Solution Structure of Human Corticotropin Releasing Factor by 1H NMR and Distance Geometry with Restrained Molecular Dynamics.' 
'Protein Eng.' 6   149  ? 1993 PRENE9 UK 0269-2139 0859 ? 8386360  10.1093/PROTEIN/6.2.149          
# 
loop_
_citation_author.citation_id 
_citation_author.name 
_citation_author.ordinal 
_citation_author.identifier_ORCID 
primary 'Spyroulias, G.A.'  1 ? 
primary 'Papazacharias, S.' 2 ? 
primary 'Pairas, G.'        3 ? 
primary 'Cordopatis, P.'    4 ? 
1       'Romier, C.'        5 ? 
1       'Bernassau, J.M.'   6 ? 
1       'Cambillau, C.'     7 ? 
1       'Darbon, H.'        8 ? 
# 
_entity.id                         1 
_entity.type                       polymer 
_entity.src_method                 syn 
_entity.pdbx_description           'CORTICOTROPIN RELEASING HORMONE' 
_entity.formula_weight             4734.436 
_entity.pdbx_number_of_molecules   1 
_entity.pdbx_ec                    ? 
_entity.pdbx_mutation              YES 
_entity.pdbx_fragment              ? 
_entity.details                    'SYNTHETIC ANALOGUE WITH ISOLEUCINE-AMIDE C-TERMINUS' 
# 
_entity_name_com.entity_id   1 
_entity_name_com.name        CORTICOLIBERIN 
# 
_entity_poly.entity_id                      1 
_entity_poly.type                           'polypeptide(L)' 
_entity_poly.nstd_linkage                   no 
_entity_poly.nstd_monomer                   yes 
_entity_poly.pdbx_seq_one_letter_code       'SEEPPISLDLT(DPN)HL(AIB)REVLEMARAEQLAQQAHSNRKLMEII(NH2)' 
_entity_poly.pdbx_seq_one_letter_code_can   SEEPPISLDLTFHLAREVLEMARAEQLAQQAHSNRKLMEIIX 
_entity_poly.pdbx_strand_id                 A 
_entity_poly.pdbx_target_identifier         ? 
# 
loop_
_entity_poly_seq.entity_id 
_entity_poly_seq.num 
_entity_poly_seq.mon_id 
_entity_poly_seq.hetero 
1 1  SER n 
1 2  GLU n 
1 3  GLU n 
1 4  PRO n 
1 5  PRO n 
1 6  ILE n 
1 7  SER n 
1 8  LEU n 
1 9  ASP n 
1 10 LEU n 
1 11 THR n 
1 12 DPN n 
1 13 HIS n 
1 14 LEU n 
1 15 AIB n 
1 16 ARG n 
1 17 GLU n 
1 18 VAL n 
1 19 LEU n 
1 20 GLU n 
1 21 MET n 
1 22 ALA n 
1 23 ARG n 
1 24 ALA n 
1 25 GLU n 
1 26 GLN n 
1 27 LEU n 
1 28 ALA n 
1 29 GLN n 
1 30 GLN n 
1 31 ALA n 
1 32 HIS n 
1 33 SER n 
1 34 ASN n 
1 35 ARG n 
1 36 LYS n 
1 37 LEU n 
1 38 MET n 
1 39 GLU n 
1 40 ILE n 
1 41 ILE n 
1 42 NH2 n 
# 
_pdbx_entity_src_syn.entity_id              1 
_pdbx_entity_src_syn.pdbx_src_id            1 
_pdbx_entity_src_syn.pdbx_alt_source_flag   sample 
_pdbx_entity_src_syn.pdbx_beg_seq_num       ? 
_pdbx_entity_src_syn.pdbx_end_seq_num       ? 
_pdbx_entity_src_syn.organism_scientific    'HOMO SAPIENS' 
_pdbx_entity_src_syn.organism_common_name   HUMAN 
_pdbx_entity_src_syn.ncbi_taxonomy_id       9606 
_pdbx_entity_src_syn.details                
;SYNTHETIC ANALOGUE SYNTHESIZED THROUGH SOLID PHASE SYNTHESIS USING FMOC/TBU SYNTHETIC PROTOCOLS. NATIVE PHE12 AND LEU15 HAS BEEN SUBSTITUTED BY D-PHE AND ALPHA-AMINOISOBUTYRIC ACID
;
# 
loop_
_chem_comp.id 
_chem_comp.type 
_chem_comp.mon_nstd_flag 
_chem_comp.name 
_chem_comp.pdbx_synonyms 
_chem_comp.formula 
_chem_comp.formula_weight 
AIB 'L-peptide linking' n 'ALPHA-AMINOISOBUTYRIC ACID' ? 'C4 H9 N O2'     103.120 
ALA 'L-peptide linking' y ALANINE                      ? 'C3 H7 N O2'     89.093  
ARG 'L-peptide linking' y ARGININE                     ? 'C6 H15 N4 O2 1' 175.209 
ASN 'L-peptide linking' y ASPARAGINE                   ? 'C4 H8 N2 O3'    132.118 
ASP 'L-peptide linking' y 'ASPARTIC ACID'              ? 'C4 H7 N O4'     133.103 
DPN 'D-peptide linking' . D-PHENYLALANINE              ? 'C9 H11 N O2'    165.189 
GLN 'L-peptide linking' y GLUTAMINE                    ? 'C5 H10 N2 O3'   146.144 
GLU 'L-peptide linking' y 'GLUTAMIC ACID'              ? 'C5 H9 N O4'     147.129 
HIS 'L-peptide linking' y HISTIDINE                    ? 'C6 H10 N3 O2 1' 156.162 
ILE 'L-peptide linking' y ISOLEUCINE                   ? 'C6 H13 N O2'    131.173 
LEU 'L-peptide linking' y LEUCINE                      ? 'C6 H13 N O2'    131.173 
LYS 'L-peptide linking' y LYSINE                       ? 'C6 H15 N2 O2 1' 147.195 
MET 'L-peptide linking' y METHIONINE                   ? 'C5 H11 N O2 S'  149.211 
NH2 non-polymer         . 'AMINO GROUP'                ? 'H2 N'           16.023  
PHE 'L-peptide linking' y PHENYLALANINE                ? 'C9 H11 N O2'    165.189 
PRO 'L-peptide linking' y PROLINE                      ? 'C5 H9 N O2'     115.130 
SER 'L-peptide linking' y SERINE                       ? 'C3 H7 N O3'     105.093 
THR 'L-peptide linking' y THREONINE                    ? 'C4 H9 N O3'     119.119 
VAL 'L-peptide linking' y VALINE                       ? 'C5 H11 N O2'    117.146 
# 
loop_
_pdbx_poly_seq_scheme.asym_id 
_pdbx_poly_seq_scheme.entity_id 
_pdbx_poly_seq_scheme.seq_id 
_pdbx_poly_seq_scheme.mon_id 
_pdbx_poly_seq_scheme.ndb_seq_num 
_pdbx_poly_seq_scheme.pdb_seq_num 
_pdbx_poly_seq_scheme.auth_seq_num 
_pdbx_poly_seq_scheme.pdb_mon_id 
_pdbx_poly_seq_scheme.auth_mon_id 
_pdbx_poly_seq_scheme.pdb_strand_id 
_pdbx_poly_seq_scheme.pdb_ins_code 
_pdbx_poly_seq_scheme.hetero 
A 1 1  SER 1  1  1  SER SER A . n 
A 1 2  GLU 2  2  2  GLU GLU A . n 
A 1 3  GLU 3  3  3  GLU GLU A . n 
A 1 4  PRO 4  4  4  PRO PRO A . n 
A 1 5  PRO 5  5  5  PRO PRO A . n 
A 1 6  ILE 6  6  6  ILE ILE A . n 
A 1 7  SER 7  7  7  SER SER A . n 
A 1 8  LEU 8  8  8  LEU LEU A . n 
A 1 9  ASP 9  9  9  ASP ASP A . n 
A 1 10 LEU 10 10 10 LEU LEU A . n 
A 1 11 THR 11 11 11 THR THR A . n 
A 1 12 DPN 12 12 12 DPN DPN A . n 
A 1 13 HIS 13 13 13 HIS HIS A . n 
A 1 14 LEU 14 14 14 LEU LEU A . n 
A 1 15 AIB 15 15 15 AIB AIB A . n 
A 1 16 ARG 16 16 16 ARG ARG A . n 
A 1 17 GLU 17 17 17 GLU GLU A . n 
A 1 18 VAL 18 18 18 VAL VAL A . n 
A 1 19 LEU 19 19 19 LEU LEU A . n 
A 1 20 GLU 20 20 20 GLU GLU A . n 
A 1 21 MET 21 21 21 MET MET A . n 
A 1 22 ALA 22 22 22 ALA ALA A . n 
A 1 23 ARG 23 23 23 ARG ARG A . n 
A 1 24 ALA 24 24 24 ALA ALA A . n 
A 1 25 GLU 25 25 25 GLU GLU A . n 
A 1 26 GLN 26 26 26 GLN GLN A . n 
A 1 27 LEU 27 27 27 LEU LEU A . n 
A 1 28 ALA 28 28 28 ALA ALA A . n 
A 1 29 GLN 29 29 29 GLN GLN A . n 
A 1 30 GLN 30 30 30 GLN GLN A . n 
A 1 31 ALA 31 31 31 ALA ALA A . n 
A 1 32 HIS 32 32 32 HIS HIS A . n 
A 1 33 SER 33 33 33 SER SER A . n 
A 1 34 ASN 34 34 34 ASN ASN A . n 
A 1 35 ARG 35 35 35 ARG ARG A . n 
A 1 36 LYS 36 36 36 LYS LYS A . n 
A 1 37 LEU 37 37 37 LEU LEU A . n 
A 1 38 MET 38 38 38 MET MET A . n 
A 1 39 GLU 39 39 39 GLU GLU A . n 
A 1 40 ILE 40 40 40 ILE ILE A . n 
A 1 41 ILE 41 41 41 ILE ILE A . n 
A 1 42 NH2 42 42 42 NH2 NH2 A . n 
# 
_cell.entry_id           1GO9 
_cell.length_a           1.000 
_cell.length_b           1.000 
_cell.length_c           1.000 
_cell.angle_alpha        90.00 
_cell.angle_beta         90.00 
_cell.angle_gamma        90.00 
_cell.Z_PDB              1 
_cell.pdbx_unique_axis   ? 
# 
_symmetry.entry_id                         1GO9 
_symmetry.space_group_name_H-M             'P 1' 
_symmetry.pdbx_full_space_group_name_H-M   ? 
_symmetry.cell_setting                     ? 
_symmetry.Int_Tables_number                1 
# 
_exptl.entry_id          1GO9 
_exptl.method            'SOLUTION NMR' 
_exptl.crystals_number   ? 
# 
_struct.entry_id                  1GO9 
_struct.title                     
;Monitoring the structural Consequences of Phe12-->D-Phe12 and Leu15-->Aib15 substitution in h/r Corticotropin Releasing Hormone: Implications for Design of CRH antagonists.
;
_struct.pdbx_model_details        ? 
_struct.pdbx_CASP_flag            ? 
_struct.pdbx_model_type_details   'MINIMIZED AVERAGE' 
# 
_struct_keywords.entry_id        1GO9 
_struct_keywords.pdbx_keywords   HORMONE 
_struct_keywords.text            
'HORMONE, CORTICOTROPIN RELEASING HORMONE, SYNTHETIC ANALOGUES, SOLID PHASE SYNTHESIS, SOLUTIONS STRUCTURE' 
# 
_struct_asym.id                            A 
_struct_asym.pdbx_blank_PDB_chainid_flag   N 
_struct_asym.pdbx_modified                 N 
_struct_asym.entity_id                     1 
_struct_asym.details                       ? 
# 
_struct_ref.id                         1 
_struct_ref.db_name                    UNP 
_struct_ref.db_code                    CRF_HUMAN 
_struct_ref.entity_id                  1 
_struct_ref.pdbx_seq_one_letter_code   ? 
_struct_ref.pdbx_align_begin           ? 
_struct_ref.pdbx_db_accession          P06850 
_struct_ref.pdbx_db_isoform            ? 
# 
_struct_ref_seq.align_id                      1 
_struct_ref_seq.ref_id                        1 
_struct_ref_seq.pdbx_PDB_id_code              1GO9 
_struct_ref_seq.pdbx_strand_id                A 
_struct_ref_seq.seq_align_beg                 1 
_struct_ref_seq.pdbx_seq_align_beg_ins_code   ? 
_struct_ref_seq.seq_align_end                 41 
_struct_ref_seq.pdbx_seq_align_end_ins_code   ? 
_struct_ref_seq.pdbx_db_accession             P06850 
_struct_ref_seq.db_align_beg                  154 
_struct_ref_seq.pdbx_db_align_beg_ins_code    ? 
_struct_ref_seq.db_align_end                  194 
_struct_ref_seq.pdbx_db_align_end_ins_code    ? 
_struct_ref_seq.pdbx_auth_seq_align_beg       1 
_struct_ref_seq.pdbx_auth_seq_align_end       41 
# 
loop_
_struct_ref_seq_dif.align_id 
_struct_ref_seq_dif.pdbx_pdb_id_code 
_struct_ref_seq_dif.mon_id 
_struct_ref_seq_dif.pdbx_pdb_strand_id 
_struct_ref_seq_dif.seq_num 
_struct_ref_seq_dif.pdbx_pdb_ins_code 
_struct_ref_seq_dif.pdbx_seq_db_name 
_struct_ref_seq_dif.pdbx_seq_db_accession_code 
_struct_ref_seq_dif.db_mon_id 
_struct_ref_seq_dif.pdbx_seq_db_seq_num 
_struct_ref_seq_dif.details 
_struct_ref_seq_dif.pdbx_auth_seq_num 
_struct_ref_seq_dif.pdbx_ordinal 
1 1GO9 DPN A 12 ? UNP P06850 PHE 165 'engineered mutation' 12 1 
1 1GO9 AIB A 15 ? UNP P06850 LEU 168 'engineered mutation' 15 2 
1 1GO9 NH2 A 42 ? UNP P06850 ?   ?   amidation             42 3 
# 
_pdbx_struct_assembly.id                   1 
_pdbx_struct_assembly.details              author_defined_assembly 
_pdbx_struct_assembly.method_details       ? 
_pdbx_struct_assembly.oligomeric_details   monomeric 
_pdbx_struct_assembly.oligomeric_count     1 
# 
_pdbx_struct_assembly_gen.assembly_id       1 
_pdbx_struct_assembly_gen.oper_expression   1 
_pdbx_struct_assembly_gen.asym_id_list      A 
# 
_pdbx_struct_oper_list.id                   1 
_pdbx_struct_oper_list.type                 'identity operation' 
_pdbx_struct_oper_list.name                 1_555 
_pdbx_struct_oper_list.symmetry_operation   x,y,z 
_pdbx_struct_oper_list.matrix[1][1]         1.0000000000 
_pdbx_struct_oper_list.matrix[1][2]         0.0000000000 
_pdbx_struct_oper_list.matrix[1][3]         0.0000000000 
_pdbx_struct_oper_list.vector[1]            0.0000000000 
_pdbx_struct_oper_list.matrix[2][1]         0.0000000000 
_pdbx_struct_oper_list.matrix[2][2]         1.0000000000 
_pdbx_struct_oper_list.matrix[2][3]         0.0000000000 
_pdbx_struct_oper_list.vector[2]            0.0000000000 
_pdbx_struct_oper_list.matrix[3][1]         0.0000000000 
_pdbx_struct_oper_list.matrix[3][2]         0.0000000000 
_pdbx_struct_oper_list.matrix[3][3]         1.0000000000 
_pdbx_struct_oper_list.vector[3]            0.0000000000 
# 
_struct_biol.id   1 
# 
loop_
_struct_conf.conf_type_id 
_struct_conf.id 
_struct_conf.pdbx_PDB_helix_id 
_struct_conf.beg_label_comp_id 
_struct_conf.beg_label_asym_id 
_struct_conf.beg_label_seq_id 
_struct_conf.pdbx_beg_PDB_ins_code 
_struct_conf.end_label_comp_id 
_struct_conf.end_label_asym_id 
_struct_conf.end_label_seq_id 
_struct_conf.pdbx_end_PDB_ins_code 
_struct_conf.beg_auth_comp_id 
_struct_conf.beg_auth_asym_id 
_struct_conf.beg_auth_seq_id 
_struct_conf.end_auth_comp_id 
_struct_conf.end_auth_asym_id 
_struct_conf.end_auth_seq_id 
_struct_conf.pdbx_PDB_helix_class 
_struct_conf.details 
_struct_conf.pdbx_PDB_helix_length 
HELX_P HELX_P1 1 ILE A 6  ? VAL A 18 ? ILE A 6  VAL A 18 1 ? 13 
HELX_P HELX_P2 2 GLU A 20 ? ILE A 40 ? GLU A 20 ILE A 40 1 ? 21 
# 
_struct_conf_type.id          HELX_P 
_struct_conf_type.criteria    ? 
_struct_conf_type.reference   ? 
# 
loop_
_struct_conn.id 
_struct_conn.conn_type_id 
_struct_conn.pdbx_leaving_atom_flag 
_struct_conn.pdbx_PDB_id 
_struct_conn.ptnr1_label_asym_id 
_struct_conn.ptnr1_label_comp_id 
_struct_conn.ptnr1_label_seq_id 
_struct_conn.ptnr1_label_atom_id 
_struct_conn.pdbx_ptnr1_label_alt_id 
_struct_conn.pdbx_ptnr1_PDB_ins_code 
_struct_conn.pdbx_ptnr1_standard_comp_id 
_struct_conn.ptnr1_symmetry 
_struct_conn.ptnr2_label_asym_id 
_struct_conn.ptnr2_label_comp_id 
_struct_conn.ptnr2_label_seq_id 
_struct_conn.ptnr2_label_atom_id 
_struct_conn.pdbx_ptnr2_label_alt_id 
_struct_conn.pdbx_ptnr2_PDB_ins_code 
_struct_conn.ptnr1_auth_asym_id 
_struct_conn.ptnr1_auth_comp_id 
_struct_conn.ptnr1_auth_seq_id 
_struct_conn.ptnr2_auth_asym_id 
_struct_conn.ptnr2_auth_comp_id 
_struct_conn.ptnr2_auth_seq_id 
_struct_conn.ptnr2_symmetry 
_struct_conn.pdbx_ptnr3_label_atom_id 
_struct_conn.pdbx_ptnr3_label_seq_id 
_struct_conn.pdbx_ptnr3_label_comp_id 
_struct_conn.pdbx_ptnr3_label_asym_id 
_struct_conn.pdbx_ptnr3_label_alt_id 
_struct_conn.pdbx_ptnr3_PDB_ins_code 
_struct_conn.details 
_struct_conn.pdbx_dist_value 
_struct_conn.pdbx_value_order 
_struct_conn.pdbx_role 
covale1 covale both ? A THR 11 C ? ? ? 1_555 A DPN 12 N ? ? A THR 11 A DPN 12 1_555 ? ? ? ? ? ? ? 1.333 ? ? 
covale2 covale both ? A DPN 12 C ? ? ? 1_555 A HIS 13 N ? ? A DPN 12 A HIS 13 1_555 ? ? ? ? ? ? ? 1.333 ? ? 
covale3 covale both ? A LEU 14 C ? ? ? 1_555 A AIB 15 N ? ? A LEU 14 A AIB 15 1_555 ? ? ? ? ? ? ? 1.334 ? ? 
covale4 covale both ? A AIB 15 C ? ? ? 1_555 A ARG 16 N ? ? A AIB 15 A ARG 16 1_555 ? ? ? ? ? ? ? 1.338 ? ? 
covale5 covale both ? A ILE 41 C ? ? ? 1_555 A NH2 42 N ? ? A ILE 41 A NH2 42 1_555 ? ? ? ? ? ? ? 1.333 ? ? 
# 
_struct_conn_type.id          covale 
_struct_conn_type.criteria    ? 
_struct_conn_type.reference   ? 
# 
loop_
_pdbx_modification_feature.ordinal 
_pdbx_modification_feature.label_comp_id 
_pdbx_modification_feature.label_asym_id 
_pdbx_modification_feature.label_seq_id 
_pdbx_modification_feature.label_alt_id 
_pdbx_modification_feature.modified_residue_label_comp_id 
_pdbx_modification_feature.modified_residue_label_asym_id 
_pdbx_modification_feature.modified_residue_label_seq_id 
_pdbx_modification_feature.modified_residue_label_alt_id 
_pdbx_modification_feature.auth_comp_id 
_pdbx_modification_feature.auth_asym_id 
_pdbx_modification_feature.auth_seq_id 
_pdbx_modification_feature.PDB_ins_code 
_pdbx_modification_feature.symmetry 
_pdbx_modification_feature.modified_residue_auth_comp_id 
_pdbx_modification_feature.modified_residue_auth_asym_id 
_pdbx_modification_feature.modified_residue_auth_seq_id 
_pdbx_modification_feature.modified_residue_PDB_ins_code 
_pdbx_modification_feature.modified_residue_symmetry 
_pdbx_modification_feature.comp_id_linking_atom 
_pdbx_modification_feature.modified_residue_id_linking_atom 
_pdbx_modification_feature.modified_residue_id 
_pdbx_modification_feature.ref_pcm_id 
_pdbx_modification_feature.ref_comp_id 
_pdbx_modification_feature.type 
_pdbx_modification_feature.category 
1 AIB A 15 ? .   . .  . AIB A 15 ? 1_555 .   . .  . .     . . ALA 1 AIB Methylation 'Named protein modification' 
2 NH2 A 42 ? ILE A 41 ? NH2 A 42 ? 1_555 ILE A 41 ? 1_555 . . ILE 3 NH2 None        'Terminal amidation'         
# 
_pdbx_entry_details.entry_id                   1GO9 
_pdbx_entry_details.compound_details           ? 
_pdbx_entry_details.source_details             ? 
_pdbx_entry_details.nonpolymer_details         ? 
_pdbx_entry_details.sequence_details           ? 
_pdbx_entry_details.has_ligand_of_interest     ? 
_pdbx_entry_details.has_protein_modification   Y 
# 
_pdbx_validate_torsion.id              1 
_pdbx_validate_torsion.PDB_model_num   1 
_pdbx_validate_torsion.auth_comp_id    GLU 
_pdbx_validate_torsion.auth_asym_id    A 
_pdbx_validate_torsion.auth_seq_id     17 
_pdbx_validate_torsion.PDB_ins_code    ? 
_pdbx_validate_torsion.label_alt_id    ? 
_pdbx_validate_torsion.phi             -96.34 
_pdbx_validate_torsion.psi             -67.34 
# 
_pdbx_struct_mod_residue.id               1 
_pdbx_struct_mod_residue.label_asym_id    A 
_pdbx_struct_mod_residue.label_comp_id    AIB 
_pdbx_struct_mod_residue.label_seq_id     15 
_pdbx_struct_mod_residue.auth_asym_id     A 
_pdbx_struct_mod_residue.auth_comp_id     AIB 
_pdbx_struct_mod_residue.auth_seq_id      15 
_pdbx_struct_mod_residue.PDB_ins_code     ? 
_pdbx_struct_mod_residue.parent_comp_id   ALA 
_pdbx_struct_mod_residue.details          'ALPHA-AMINOISOBUTYRIC ACID' 
# 
_pdbx_nmr_ensemble.entry_id                             1GO9 
_pdbx_nmr_ensemble.conformers_calculated_total_number   40 
_pdbx_nmr_ensemble.conformers_submitted_total_number    1 
_pdbx_nmr_ensemble.conformer_selection_criteria         'LEAST RESTRAINT VIOLATION' 
# 
_pdbx_nmr_sample_details.solution_id   1 
_pdbx_nmr_sample_details.contents      '34% H2O / 66% TFE' 
# 
_pdbx_nmr_exptl_sample_conditions.conditions_id          1 
_pdbx_nmr_exptl_sample_conditions.temperature            310 
_pdbx_nmr_exptl_sample_conditions.pressure_units         atm 
_pdbx_nmr_exptl_sample_conditions.pressure               1 
_pdbx_nmr_exptl_sample_conditions.pH                     3.8 
_pdbx_nmr_exptl_sample_conditions.ionic_strength         ? 
_pdbx_nmr_exptl_sample_conditions.ionic_strength_units   ? 
_pdbx_nmr_exptl_sample_conditions.pH_units               pH 
_pdbx_nmr_exptl_sample_conditions.temperature_units      K 
# 
loop_
_pdbx_nmr_exptl.experiment_id 
_pdbx_nmr_exptl.conditions_id 
_pdbx_nmr_exptl.type 
_pdbx_nmr_exptl.solution_id 
1 1 COSY  1 
2 1 TOCSY 1 
3 1 NOESY 1 
# 
_pdbx_nmr_details.entry_id   1GO9 
_pdbx_nmr_details.text       
;MEAN STRUCTURE. THE STRUCTURE WAS DETERMINED USING 1H-1H DOUBLE-RESONANCE NMR SPECTROSCOPY. NMR-DERRIVED DISTANCE RESTRAINTS AND 3JHAHN COUPLING CONSTANTS AS WELL AS H-BOND CONSTRAINTS USED IN STRUCTURAL CALCULATION AND REFIMENT PROCEEDURE.
;
# 
_pdbx_nmr_refine.entry_id           1GO9 
_pdbx_nmr_refine.method             'HYBRID DISTANCE GEOMETRY SIMULATED ANNEALING IN TORSION ANGLE SPACE' 
_pdbx_nmr_refine.details            'REFINEMENT DETAILS CAN BE FOUND IN THE JRNL CITATION ABOVE.' 
_pdbx_nmr_refine.software_ordinal   1 
# 
loop_
_pdbx_nmr_software.classification 
_pdbx_nmr_software.name 
_pdbx_nmr_software.version 
_pdbx_nmr_software.authors 
_pdbx_nmr_software.ordinal 
refinement           Amber 5.0 'PETER KOLLMAN, DAVE CASE, KEN MERZ, THOMAS CHEATHAM, CARLOS SIMMERLING, TOM DARDEN' 1 
'structure solution' DYANA ?   ?                                                                                    2 
'structure solution' Amber ?   ?                                                                                    3 
# 
loop_
_chem_comp_atom.comp_id 
_chem_comp_atom.atom_id 
_chem_comp_atom.type_symbol 
_chem_comp_atom.pdbx_aromatic_flag 
_chem_comp_atom.pdbx_stereo_config 
_chem_comp_atom.pdbx_ordinal 
AIB N    N N N 1   
AIB CA   C N N 2   
AIB C    C N N 3   
AIB O    O N N 4   
AIB OXT  O N N 5   
AIB CB1  C N N 6   
AIB CB2  C N N 7   
AIB H    H N N 8   
AIB H2   H N N 9   
AIB HXT  H N N 10  
AIB HB11 H N N 11  
AIB HB12 H N N 12  
AIB HB13 H N N 13  
AIB HB21 H N N 14  
AIB HB22 H N N 15  
AIB HB23 H N N 16  
ALA N    N N N 17  
ALA CA   C N S 18  
ALA C    C N N 19  
ALA O    O N N 20  
ALA CB   C N N 21  
ALA OXT  O N N 22  
ALA H    H N N 23  
ALA H2   H N N 24  
ALA HA   H N N 25  
ALA HB1  H N N 26  
ALA HB2  H N N 27  
ALA HB3  H N N 28  
ALA HXT  H N N 29  
ARG N    N N N 30  
ARG CA   C N S 31  
ARG C    C N N 32  
ARG O    O N N 33  
ARG CB   C N N 34  
ARG CG   C N N 35  
ARG CD   C N N 36  
ARG NE   N N N 37  
ARG CZ   C N N 38  
ARG NH1  N N N 39  
ARG NH2  N N N 40  
ARG OXT  O N N 41  
ARG H    H N N 42  
ARG H2   H N N 43  
ARG HA   H N N 44  
ARG HB2  H N N 45  
ARG HB3  H N N 46  
ARG HG2  H N N 47  
ARG HG3  H N N 48  
ARG HD2  H N N 49  
ARG HD3  H N N 50  
ARG HE   H N N 51  
ARG HH11 H N N 52  
ARG HH12 H N N 53  
ARG HH21 H N N 54  
ARG HH22 H N N 55  
ARG HXT  H N N 56  
ASN N    N N N 57  
ASN CA   C N S 58  
ASN C    C N N 59  
ASN O    O N N 60  
ASN CB   C N N 61  
ASN CG   C N N 62  
ASN OD1  O N N 63  
ASN ND2  N N N 64  
ASN OXT  O N N 65  
ASN H    H N N 66  
ASN H2   H N N 67  
ASN HA   H N N 68  
ASN HB2  H N N 69  
ASN HB3  H N N 70  
ASN HD21 H N N 71  
ASN HD22 H N N 72  
ASN HXT  H N N 73  
ASP N    N N N 74  
ASP CA   C N S 75  
ASP C    C N N 76  
ASP O    O N N 77  
ASP CB   C N N 78  
ASP CG   C N N 79  
ASP OD1  O N N 80  
ASP OD2  O N N 81  
ASP OXT  O N N 82  
ASP H    H N N 83  
ASP H2   H N N 84  
ASP HA   H N N 85  
ASP HB2  H N N 86  
ASP HB3  H N N 87  
ASP HD2  H N N 88  
ASP HXT  H N N 89  
DPN N    N N N 90  
DPN CA   C N R 91  
DPN C    C N N 92  
DPN O    O N N 93  
DPN OXT  O N N 94  
DPN CB   C N N 95  
DPN CG   C Y N 96  
DPN CD1  C Y N 97  
DPN CD2  C Y N 98  
DPN CE1  C Y N 99  
DPN CE2  C Y N 100 
DPN CZ   C Y N 101 
DPN H    H N N 102 
DPN H2   H N N 103 
DPN HA   H N N 104 
DPN HXT  H N N 105 
DPN HB2  H N N 106 
DPN HB3  H N N 107 
DPN HD1  H N N 108 
DPN HD2  H N N 109 
DPN HE1  H N N 110 
DPN HE2  H N N 111 
DPN HZ   H N N 112 
GLN N    N N N 113 
GLN CA   C N S 114 
GLN C    C N N 115 
GLN O    O N N 116 
GLN CB   C N N 117 
GLN CG   C N N 118 
GLN CD   C N N 119 
GLN OE1  O N N 120 
GLN NE2  N N N 121 
GLN OXT  O N N 122 
GLN H    H N N 123 
GLN H2   H N N 124 
GLN HA   H N N 125 
GLN HB2  H N N 126 
GLN HB3  H N N 127 
GLN HG2  H N N 128 
GLN HG3  H N N 129 
GLN HE21 H N N 130 
GLN HE22 H N N 131 
GLN HXT  H N N 132 
GLU N    N N N 133 
GLU CA   C N S 134 
GLU C    C N N 135 
GLU O    O N N 136 
GLU CB   C N N 137 
GLU CG   C N N 138 
GLU CD   C N N 139 
GLU OE1  O N N 140 
GLU OE2  O N N 141 
GLU OXT  O N N 142 
GLU H    H N N 143 
GLU H2   H N N 144 
GLU HA   H N N 145 
GLU HB2  H N N 146 
GLU HB3  H N N 147 
GLU HG2  H N N 148 
GLU HG3  H N N 149 
GLU HE2  H N N 150 
GLU HXT  H N N 151 
HIS N    N N N 152 
HIS CA   C N S 153 
HIS C    C N N 154 
HIS O    O N N 155 
HIS CB   C N N 156 
HIS CG   C Y N 157 
HIS ND1  N Y N 158 
HIS CD2  C Y N 159 
HIS CE1  C Y N 160 
HIS NE2  N Y N 161 
HIS OXT  O N N 162 
HIS H    H N N 163 
HIS H2   H N N 164 
HIS HA   H N N 165 
HIS HB2  H N N 166 
HIS HB3  H N N 167 
HIS HD1  H N N 168 
HIS HD2  H N N 169 
HIS HE1  H N N 170 
HIS HE2  H N N 171 
HIS HXT  H N N 172 
ILE N    N N N 173 
ILE CA   C N S 174 
ILE C    C N N 175 
ILE O    O N N 176 
ILE CB   C N S 177 
ILE CG1  C N N 178 
ILE CG2  C N N 179 
ILE CD1  C N N 180 
ILE OXT  O N N 181 
ILE H    H N N 182 
ILE H2   H N N 183 
ILE HA   H N N 184 
ILE HB   H N N 185 
ILE HG12 H N N 186 
ILE HG13 H N N 187 
ILE HG21 H N N 188 
ILE HG22 H N N 189 
ILE HG23 H N N 190 
ILE HD11 H N N 191 
ILE HD12 H N N 192 
ILE HD13 H N N 193 
ILE HXT  H N N 194 
LEU N    N N N 195 
LEU CA   C N S 196 
LEU C    C N N 197 
LEU O    O N N 198 
LEU CB   C N N 199 
LEU CG   C N N 200 
LEU CD1  C N N 201 
LEU CD2  C N N 202 
LEU OXT  O N N 203 
LEU H    H N N 204 
LEU H2   H N N 205 
LEU HA   H N N 206 
LEU HB2  H N N 207 
LEU HB3  H N N 208 
LEU HG   H N N 209 
LEU HD11 H N N 210 
LEU HD12 H N N 211 
LEU HD13 H N N 212 
LEU HD21 H N N 213 
LEU HD22 H N N 214 
LEU HD23 H N N 215 
LEU HXT  H N N 216 
LYS N    N N N 217 
LYS CA   C N S 218 
LYS C    C N N 219 
LYS O    O N N 220 
LYS CB   C N N 221 
LYS CG   C N N 222 
LYS CD   C N N 223 
LYS CE   C N N 224 
LYS NZ   N N N 225 
LYS OXT  O N N 226 
LYS H    H N N 227 
LYS H2   H N N 228 
LYS HA   H N N 229 
LYS HB2  H N N 230 
LYS HB3  H N N 231 
LYS HG2  H N N 232 
LYS HG3  H N N 233 
LYS HD2  H N N 234 
LYS HD3  H N N 235 
LYS HE2  H N N 236 
LYS HE3  H N N 237 
LYS HZ1  H N N 238 
LYS HZ2  H N N 239 
LYS HZ3  H N N 240 
LYS HXT  H N N 241 
MET N    N N N 242 
MET CA   C N S 243 
MET C    C N N 244 
MET O    O N N 245 
MET CB   C N N 246 
MET CG   C N N 247 
MET SD   S N N 248 
MET CE   C N N 249 
MET OXT  O N N 250 
MET H    H N N 251 
MET H2   H N N 252 
MET HA   H N N 253 
MET HB2  H N N 254 
MET HB3  H N N 255 
MET HG2  H N N 256 
MET HG3  H N N 257 
MET HE1  H N N 258 
MET HE2  H N N 259 
MET HE3  H N N 260 
MET HXT  H N N 261 
NH2 N    N N N 262 
NH2 HN1  H N N 263 
NH2 HN2  H N N 264 
PHE N    N N N 265 
PHE CA   C N S 266 
PHE C    C N N 267 
PHE O    O N N 268 
PHE CB   C N N 269 
PHE CG   C Y N 270 
PHE CD1  C Y N 271 
PHE CD2  C Y N 272 
PHE CE1  C Y N 273 
PHE CE2  C Y N 274 
PHE CZ   C Y N 275 
PHE OXT  O N N 276 
PHE H    H N N 277 
PHE H2   H N N 278 
PHE HA   H N N 279 
PHE HB2  H N N 280 
PHE HB3  H N N 281 
PHE HD1  H N N 282 
PHE HD2  H N N 283 
PHE HE1  H N N 284 
PHE HE2  H N N 285 
PHE HZ   H N N 286 
PHE HXT  H N N 287 
PRO N    N N N 288 
PRO CA   C N S 289 
PRO C    C N N 290 
PRO O    O N N 291 
PRO CB   C N N 292 
PRO CG   C N N 293 
PRO CD   C N N 294 
PRO OXT  O N N 295 
PRO H    H N N 296 
PRO HA   H N N 297 
PRO HB2  H N N 298 
PRO HB3  H N N 299 
PRO HG2  H N N 300 
PRO HG3  H N N 301 
PRO HD2  H N N 302 
PRO HD3  H N N 303 
PRO HXT  H N N 304 
SER N    N N N 305 
SER CA   C N S 306 
SER C    C N N 307 
SER O    O N N 308 
SER CB   C N N 309 
SER OG   O N N 310 
SER OXT  O N N 311 
SER H    H N N 312 
SER H2   H N N 313 
SER HA   H N N 314 
SER HB2  H N N 315 
SER HB3  H N N 316 
SER HG   H N N 317 
SER HXT  H N N 318 
THR N    N N N 319 
THR CA   C N S 320 
THR C    C N N 321 
THR O    O N N 322 
THR CB   C N R 323 
THR OG1  O N N 324 
THR CG2  C N N 325 
THR OXT  O N N 326 
THR H    H N N 327 
THR H2   H N N 328 
THR HA   H N N 329 
THR HB   H N N 330 
THR HG1  H N N 331 
THR HG21 H N N 332 
THR HG22 H N N 333 
THR HG23 H N N 334 
THR HXT  H N N 335 
VAL N    N N N 336 
VAL CA   C N S 337 
VAL C    C N N 338 
VAL O    O N N 339 
VAL CB   C N N 340 
VAL CG1  C N N 341 
VAL CG2  C N N 342 
VAL OXT  O N N 343 
VAL H    H N N 344 
VAL H2   H N N 345 
VAL HA   H N N 346 
VAL HB   H N N 347 
VAL HG11 H N N 348 
VAL HG12 H N N 349 
VAL HG13 H N N 350 
VAL HG21 H N N 351 
VAL HG22 H N N 352 
VAL HG23 H N N 353 
VAL HXT  H N N 354 
# 
loop_
_chem_comp_bond.comp_id 
_chem_comp_bond.atom_id_1 
_chem_comp_bond.atom_id_2 
_chem_comp_bond.value_order 
_chem_comp_bond.pdbx_aromatic_flag 
_chem_comp_bond.pdbx_stereo_config 
_chem_comp_bond.pdbx_ordinal 
AIB N   CA   sing N N 1   
AIB N   H    sing N N 2   
AIB N   H2   sing N N 3   
AIB CA  C    sing N N 4   
AIB CA  CB1  sing N N 5   
AIB CA  CB2  sing N N 6   
AIB C   O    doub N N 7   
AIB C   OXT  sing N N 8   
AIB OXT HXT  sing N N 9   
AIB CB1 HB11 sing N N 10  
AIB CB1 HB12 sing N N 11  
AIB CB1 HB13 sing N N 12  
AIB CB2 HB21 sing N N 13  
AIB CB2 HB22 sing N N 14  
AIB CB2 HB23 sing N N 15  
ALA N   CA   sing N N 16  
ALA N   H    sing N N 17  
ALA N   H2   sing N N 18  
ALA CA  C    sing N N 19  
ALA CA  CB   sing N N 20  
ALA CA  HA   sing N N 21  
ALA C   O    doub N N 22  
ALA C   OXT  sing N N 23  
ALA CB  HB1  sing N N 24  
ALA CB  HB2  sing N N 25  
ALA CB  HB3  sing N N 26  
ALA OXT HXT  sing N N 27  
ARG N   CA   sing N N 28  
ARG N   H    sing N N 29  
ARG N   H2   sing N N 30  
ARG CA  C    sing N N 31  
ARG CA  CB   sing N N 32  
ARG CA  HA   sing N N 33  
ARG C   O    doub N N 34  
ARG C   OXT  sing N N 35  
ARG CB  CG   sing N N 36  
ARG CB  HB2  sing N N 37  
ARG CB  HB3  sing N N 38  
ARG CG  CD   sing N N 39  
ARG CG  HG2  sing N N 40  
ARG CG  HG3  sing N N 41  
ARG CD  NE   sing N N 42  
ARG CD  HD2  sing N N 43  
ARG CD  HD3  sing N N 44  
ARG NE  CZ   sing N N 45  
ARG NE  HE   sing N N 46  
ARG CZ  NH1  sing N N 47  
ARG CZ  NH2  doub N N 48  
ARG NH1 HH11 sing N N 49  
ARG NH1 HH12 sing N N 50  
ARG NH2 HH21 sing N N 51  
ARG NH2 HH22 sing N N 52  
ARG OXT HXT  sing N N 53  
ASN N   CA   sing N N 54  
ASN N   H    sing N N 55  
ASN N   H2   sing N N 56  
ASN CA  C    sing N N 57  
ASN CA  CB   sing N N 58  
ASN CA  HA   sing N N 59  
ASN C   O    doub N N 60  
ASN C   OXT  sing N N 61  
ASN CB  CG   sing N N 62  
ASN CB  HB2  sing N N 63  
ASN CB  HB3  sing N N 64  
ASN CG  OD1  doub N N 65  
ASN CG  ND2  sing N N 66  
ASN ND2 HD21 sing N N 67  
ASN ND2 HD22 sing N N 68  
ASN OXT HXT  sing N N 69  
ASP N   CA   sing N N 70  
ASP N   H    sing N N 71  
ASP N   H2   sing N N 72  
ASP CA  C    sing N N 73  
ASP CA  CB   sing N N 74  
ASP CA  HA   sing N N 75  
ASP C   O    doub N N 76  
ASP C   OXT  sing N N 77  
ASP CB  CG   sing N N 78  
ASP CB  HB2  sing N N 79  
ASP CB  HB3  sing N N 80  
ASP CG  OD1  doub N N 81  
ASP CG  OD2  sing N N 82  
ASP OD2 HD2  sing N N 83  
ASP OXT HXT  sing N N 84  
DPN N   CA   sing N N 85  
DPN N   H    sing N N 86  
DPN N   H2   sing N N 87  
DPN CA  C    sing N N 88  
DPN CA  CB   sing N N 89  
DPN CA  HA   sing N N 90  
DPN C   O    doub N N 91  
DPN C   OXT  sing N N 92  
DPN OXT HXT  sing N N 93  
DPN CB  CG   sing N N 94  
DPN CB  HB2  sing N N 95  
DPN CB  HB3  sing N N 96  
DPN CG  CD1  doub Y N 97  
DPN CG  CD2  sing Y N 98  
DPN CD1 CE1  sing Y N 99  
DPN CD1 HD1  sing N N 100 
DPN CD2 CE2  doub Y N 101 
DPN CD2 HD2  sing N N 102 
DPN CE1 CZ   doub Y N 103 
DPN CE1 HE1  sing N N 104 
DPN CE2 CZ   sing Y N 105 
DPN CE2 HE2  sing N N 106 
DPN CZ  HZ   sing N N 107 
GLN N   CA   sing N N 108 
GLN N   H    sing N N 109 
GLN N   H2   sing N N 110 
GLN CA  C    sing N N 111 
GLN CA  CB   sing N N 112 
GLN CA  HA   sing N N 113 
GLN C   O    doub N N 114 
GLN C   OXT  sing N N 115 
GLN CB  CG   sing N N 116 
GLN CB  HB2  sing N N 117 
GLN CB  HB3  sing N N 118 
GLN CG  CD   sing N N 119 
GLN CG  HG2  sing N N 120 
GLN CG  HG3  sing N N 121 
GLN CD  OE1  doub N N 122 
GLN CD  NE2  sing N N 123 
GLN NE2 HE21 sing N N 124 
GLN NE2 HE22 sing N N 125 
GLN OXT HXT  sing N N 126 
GLU N   CA   sing N N 127 
GLU N   H    sing N N 128 
GLU N   H2   sing N N 129 
GLU CA  C    sing N N 130 
GLU CA  CB   sing N N 131 
GLU CA  HA   sing N N 132 
GLU C   O    doub N N 133 
GLU C   OXT  sing N N 134 
GLU CB  CG   sing N N 135 
GLU CB  HB2  sing N N 136 
GLU CB  HB3  sing N N 137 
GLU CG  CD   sing N N 138 
GLU CG  HG2  sing N N 139 
GLU CG  HG3  sing N N 140 
GLU CD  OE1  doub N N 141 
GLU CD  OE2  sing N N 142 
GLU OE2 HE2  sing N N 143 
GLU OXT HXT  sing N N 144 
HIS N   CA   sing N N 145 
HIS N   H    sing N N 146 
HIS N   H2   sing N N 147 
HIS CA  C    sing N N 148 
HIS CA  CB   sing N N 149 
HIS CA  HA   sing N N 150 
HIS C   O    doub N N 151 
HIS C   OXT  sing N N 152 
HIS CB  CG   sing N N 153 
HIS CB  HB2  sing N N 154 
HIS CB  HB3  sing N N 155 
HIS CG  ND1  sing Y N 156 
HIS CG  CD2  doub Y N 157 
HIS ND1 CE1  doub Y N 158 
HIS ND1 HD1  sing N N 159 
HIS CD2 NE2  sing Y N 160 
HIS CD2 HD2  sing N N 161 
HIS CE1 NE2  sing Y N 162 
HIS CE1 HE1  sing N N 163 
HIS NE2 HE2  sing N N 164 
HIS OXT HXT  sing N N 165 
ILE N   CA   sing N N 166 
ILE N   H    sing N N 167 
ILE N   H2   sing N N 168 
ILE CA  C    sing N N 169 
ILE CA  CB   sing N N 170 
ILE CA  HA   sing N N 171 
ILE C   O    doub N N 172 
ILE C   OXT  sing N N 173 
ILE CB  CG1  sing N N 174 
ILE CB  CG2  sing N N 175 
ILE CB  HB   sing N N 176 
ILE CG1 CD1  sing N N 177 
ILE CG1 HG12 sing N N 178 
ILE CG1 HG13 sing N N 179 
ILE CG2 HG21 sing N N 180 
ILE CG2 HG22 sing N N 181 
ILE CG2 HG23 sing N N 182 
ILE CD1 HD11 sing N N 183 
ILE CD1 HD12 sing N N 184 
ILE CD1 HD13 sing N N 185 
ILE OXT HXT  sing N N 186 
LEU N   CA   sing N N 187 
LEU N   H    sing N N 188 
LEU N   H2   sing N N 189 
LEU CA  C    sing N N 190 
LEU CA  CB   sing N N 191 
LEU CA  HA   sing N N 192 
LEU C   O    doub N N 193 
LEU C   OXT  sing N N 194 
LEU CB  CG   sing N N 195 
LEU CB  HB2  sing N N 196 
LEU CB  HB3  sing N N 197 
LEU CG  CD1  sing N N 198 
LEU CG  CD2  sing N N 199 
LEU CG  HG   sing N N 200 
LEU CD1 HD11 sing N N 201 
LEU CD1 HD12 sing N N 202 
LEU CD1 HD13 sing N N 203 
LEU CD2 HD21 sing N N 204 
LEU CD2 HD22 sing N N 205 
LEU CD2 HD23 sing N N 206 
LEU OXT HXT  sing N N 207 
LYS N   CA   sing N N 208 
LYS N   H    sing N N 209 
LYS N   H2   sing N N 210 
LYS CA  C    sing N N 211 
LYS CA  CB   sing N N 212 
LYS CA  HA   sing N N 213 
LYS C   O    doub N N 214 
LYS C   OXT  sing N N 215 
LYS CB  CG   sing N N 216 
LYS CB  HB2  sing N N 217 
LYS CB  HB3  sing N N 218 
LYS CG  CD   sing N N 219 
LYS CG  HG2  sing N N 220 
LYS CG  HG3  sing N N 221 
LYS CD  CE   sing N N 222 
LYS CD  HD2  sing N N 223 
LYS CD  HD3  sing N N 224 
LYS CE  NZ   sing N N 225 
LYS CE  HE2  sing N N 226 
LYS CE  HE3  sing N N 227 
LYS NZ  HZ1  sing N N 228 
LYS NZ  HZ2  sing N N 229 
LYS NZ  HZ3  sing N N 230 
LYS OXT HXT  sing N N 231 
MET N   CA   sing N N 232 
MET N   H    sing N N 233 
MET N   H2   sing N N 234 
MET CA  C    sing N N 235 
MET CA  CB   sing N N 236 
MET CA  HA   sing N N 237 
MET C   O    doub N N 238 
MET C   OXT  sing N N 239 
MET CB  CG   sing N N 240 
MET CB  HB2  sing N N 241 
MET CB  HB3  sing N N 242 
MET CG  SD   sing N N 243 
MET CG  HG2  sing N N 244 
MET CG  HG3  sing N N 245 
MET SD  CE   sing N N 246 
MET CE  HE1  sing N N 247 
MET CE  HE2  sing N N 248 
MET CE  HE3  sing N N 249 
MET OXT HXT  sing N N 250 
NH2 N   HN1  sing N N 251 
NH2 N   HN2  sing N N 252 
PHE N   CA   sing N N 253 
PHE N   H    sing N N 254 
PHE N   H2   sing N N 255 
PHE CA  C    sing N N 256 
PHE CA  CB   sing N N 257 
PHE CA  HA   sing N N 258 
PHE C   O    doub N N 259 
PHE C   OXT  sing N N 260 
PHE CB  CG   sing N N 261 
PHE CB  HB2  sing N N 262 
PHE CB  HB3  sing N N 263 
PHE CG  CD1  doub Y N 264 
PHE CG  CD2  sing Y N 265 
PHE CD1 CE1  sing Y N 266 
PHE CD1 HD1  sing N N 267 
PHE CD2 CE2  doub Y N 268 
PHE CD2 HD2  sing N N 269 
PHE CE1 CZ   doub Y N 270 
PHE CE1 HE1  sing N N 271 
PHE CE2 CZ   sing Y N 272 
PHE CE2 HE2  sing N N 273 
PHE CZ  HZ   sing N N 274 
PHE OXT HXT  sing N N 275 
PRO N   CA   sing N N 276 
PRO N   CD   sing N N 277 
PRO N   H    sing N N 278 
PRO CA  C    sing N N 279 
PRO CA  CB   sing N N 280 
PRO CA  HA   sing N N 281 
PRO C   O    doub N N 282 
PRO C   OXT  sing N N 283 
PRO CB  CG   sing N N 284 
PRO CB  HB2  sing N N 285 
PRO CB  HB3  sing N N 286 
PRO CG  CD   sing N N 287 
PRO CG  HG2  sing N N 288 
PRO CG  HG3  sing N N 289 
PRO CD  HD2  sing N N 290 
PRO CD  HD3  sing N N 291 
PRO OXT HXT  sing N N 292 
SER N   CA   sing N N 293 
SER N   H    sing N N 294 
SER N   H2   sing N N 295 
SER CA  C    sing N N 296 
SER CA  CB   sing N N 297 
SER CA  HA   sing N N 298 
SER C   O    doub N N 299 
SER C   OXT  sing N N 300 
SER CB  OG   sing N N 301 
SER CB  HB2  sing N N 302 
SER CB  HB3  sing N N 303 
SER OG  HG   sing N N 304 
SER OXT HXT  sing N N 305 
THR N   CA   sing N N 306 
THR N   H    sing N N 307 
THR N   H2   sing N N 308 
THR CA  C    sing N N 309 
THR CA  CB   sing N N 310 
THR CA  HA   sing N N 311 
THR C   O    doub N N 312 
THR C   OXT  sing N N 313 
THR CB  OG1  sing N N 314 
THR CB  CG2  sing N N 315 
THR CB  HB   sing N N 316 
THR OG1 HG1  sing N N 317 
THR CG2 HG21 sing N N 318 
THR CG2 HG22 sing N N 319 
THR CG2 HG23 sing N N 320 
THR OXT HXT  sing N N 321 
VAL N   CA   sing N N 322 
VAL N   H    sing N N 323 
VAL N   H2   sing N N 324 
VAL CA  C    sing N N 325 
VAL CA  CB   sing N N 326 
VAL CA  HA   sing N N 327 
VAL C   O    doub N N 328 
VAL C   OXT  sing N N 329 
VAL CB  CG1  sing N N 330 
VAL CB  CG2  sing N N 331 
VAL CB  HB   sing N N 332 
VAL CG1 HG11 sing N N 333 
VAL CG1 HG12 sing N N 334 
VAL CG1 HG13 sing N N 335 
VAL CG2 HG21 sing N N 336 
VAL CG2 HG22 sing N N 337 
VAL CG2 HG23 sing N N 338 
VAL OXT HXT  sing N N 339 
# 
_pdbx_nmr_spectrometer.spectrometer_id   1 
_pdbx_nmr_spectrometer.model             AMX 
_pdbx_nmr_spectrometer.manufacturer      Bruker 
_pdbx_nmr_spectrometer.field_strength    600 
# 
_atom_sites.entry_id                    1GO9 
_atom_sites.fract_transf_matrix[1][1]   1.000000 
_atom_sites.fract_transf_matrix[1][2]   0.000000 
_atom_sites.fract_transf_matrix[1][3]   0.000000 
_atom_sites.fract_transf_matrix[2][1]   0.000000 
_atom_sites.fract_transf_matrix[2][2]   1.000000 
_atom_sites.fract_transf_matrix[2][3]   0.000000 
_atom_sites.fract_transf_matrix[3][1]   0.000000 
_atom_sites.fract_transf_matrix[3][2]   0.000000 
_atom_sites.fract_transf_matrix[3][3]   1.000000 
_atom_sites.fract_transf_vector[1]      0.00000 
_atom_sites.fract_transf_vector[2]      0.00000 
_atom_sites.fract_transf_vector[3]      0.00000 
# 
loop_
_atom_type.symbol 
C 
H 
N 
O 
S 
# 
loop_
_atom_site.group_PDB 
_atom_site.id 
_atom_site.type_symbol 
_atom_site.label_atom_id 
_atom_site.label_alt_id 
_atom_site.label_comp_id 
_atom_site.label_asym_id 
_atom_site.label_entity_id 
_atom_site.label_seq_id 
_atom_site.pdbx_PDB_ins_code 
_atom_site.Cartn_x 
_atom_site.Cartn_y 
_atom_site.Cartn_z 
_atom_site.occupancy 
_atom_site.B_iso_or_equiv 
_atom_site.pdbx_formal_charge 
_atom_site.auth_seq_id 
_atom_site.auth_comp_id 
_atom_site.auth_asym_id 
_atom_site.auth_atom_id 
_atom_site.pdbx_PDB_model_num 
ATOM   1   N N    . SER A 1 1  ? -7.006 -8.823  -27.298 1.00 0.00 ? 1  SER A N    1 
ATOM   2   C CA   . SER A 1 1  ? -6.779 -10.228 -26.936 1.00 0.00 ? 1  SER A CA   1 
ATOM   3   C C    . SER A 1 1  ? -5.377 -10.354 -26.362 1.00 0.00 ? 1  SER A C    1 
ATOM   4   O O    . SER A 1 1  ? -5.181 -10.050 -25.190 1.00 0.00 ? 1  SER A O    1 
ATOM   5   C CB   . SER A 1 1  ? -7.043 -11.135 -28.137 1.00 0.00 ? 1  SER A CB   1 
ATOM   6   O OG   . SER A 1 1  ? -8.370 -10.900 -28.559 1.00 0.00 ? 1  SER A OG   1 
ATOM   7   H H1   . SER A 1 1  ? -6.269 -8.503  -27.912 1.00 0.00 ? 1  SER A H1   1 
ATOM   8   H H2   . SER A 1 1  ? -7.902 -8.733  -27.755 1.00 0.00 ? 1  SER A H2   1 
ATOM   9   H H3   . SER A 1 1  ? -6.994 -8.263  -26.458 1.00 0.00 ? 1  SER A H3   1 
ATOM   10  H HA   . SER A 1 1  ? -7.487 -10.495 -26.152 1.00 0.00 ? 1  SER A HA   1 
ATOM   11  H HB2  . SER A 1 1  ? -6.371 -10.883 -28.956 1.00 0.00 ? 1  SER A HB2  1 
ATOM   12  H HB3  . SER A 1 1  ? -6.918 -12.180 -27.850 1.00 0.00 ? 1  SER A HB3  1 
ATOM   13  H HG   . SER A 1 1  ? -8.573 -11.534 -29.255 1.00 0.00 ? 1  SER A HG   1 
ATOM   14  N N    . GLU A 1 2  ? -4.389 -10.672 -27.192 1.00 0.00 ? 2  GLU A N    1 
ATOM   15  C CA   . GLU A 1 2  ? -3.019 -10.288 -26.925 1.00 0.00 ? 2  GLU A CA   1 
ATOM   16  C C    . GLU A 1 2  ? -2.908 -8.849  -27.418 1.00 0.00 ? 2  GLU A C    1 
ATOM   17  O O    . GLU A 1 2  ? -3.498 -8.482  -28.434 1.00 0.00 ? 2  GLU A O    1 
ATOM   18  C CB   . GLU A 1 2  ? -2.005 -11.221 -27.610 1.00 0.00 ? 2  GLU A CB   1 
ATOM   19  C CG   . GLU A 1 2  ? -2.358 -11.668 -29.037 1.00 0.00 ? 2  GLU A CG   1 
ATOM   20  C CD   . GLU A 1 2  ? -3.414 -12.780 -29.058 1.00 0.00 ? 2  GLU A CD   1 
ATOM   21  O OE1  . GLU A 1 2  ? -3.043 -13.935 -28.761 1.00 0.00 ? 2  GLU A OE1  1 
ATOM   22  O OE2  . GLU A 1 2  ? -4.591 -12.447 -29.336 1.00 0.00 ? 2  GLU A OE2  1 
ATOM   23  H H    . GLU A 1 2  ? -4.584 -10.895 -28.159 1.00 0.00 ? 2  GLU A H    1 
ATOM   24  H HA   . GLU A 1 2  ? -2.837 -10.310 -25.849 1.00 0.00 ? 2  GLU A HA   1 
ATOM   25  H HB2  . GLU A 1 2  ? -1.044 -10.705 -27.637 1.00 0.00 ? 2  GLU A HB2  1 
ATOM   26  H HB3  . GLU A 1 2  ? -1.874 -12.107 -26.988 1.00 0.00 ? 2  GLU A HB3  1 
ATOM   27  H HG2  . GLU A 1 2  ? -2.703 -10.811 -29.617 1.00 0.00 ? 2  GLU A HG2  1 
ATOM   28  H HG3  . GLU A 1 2  ? -1.451 -12.046 -29.513 1.00 0.00 ? 2  GLU A HG3  1 
ATOM   29  N N    . GLU A 1 3  ? -2.249 -8.016  -26.621 1.00 0.00 ? 3  GLU A N    1 
ATOM   30  C CA   . GLU A 1 3  ? -2.177 -6.567  -26.739 1.00 0.00 ? 3  GLU A CA   1 
ATOM   31  C C    . GLU A 1 3  ? -0.825 -6.189  -26.119 1.00 0.00 ? 3  GLU A C    1 
ATOM   32  O O    . GLU A 1 3  ? -0.226 -7.032  -25.443 1.00 0.00 ? 3  GLU A O    1 
ATOM   33  C CB   . GLU A 1 3  ? -3.359 -5.944  -25.958 1.00 0.00 ? 3  GLU A CB   1 
ATOM   34  C CG   . GLU A 1 3  ? -4.703 -6.339  -26.589 1.00 0.00 ? 3  GLU A CG   1 
ATOM   35  C CD   . GLU A 1 3  ? -5.939 -5.726  -25.935 1.00 0.00 ? 3  GLU A CD   1 
ATOM   36  O OE1  . GLU A 1 3  ? -5.820 -4.665  -25.287 1.00 0.00 ? 3  GLU A OE1  1 
ATOM   37  O OE2  . GLU A 1 3  ? -7.007 -6.359  -26.124 1.00 0.00 ? 3  GLU A OE2  1 
ATOM   38  H H    . GLU A 1 3  ? -1.751 -8.379  -25.818 1.00 0.00 ? 3  GLU A H    1 
ATOM   39  H HA   . GLU A 1 3  ? -2.213 -6.267  -27.786 1.00 0.00 ? 3  GLU A HA   1 
ATOM   40  H HB2  . GLU A 1 3  ? -3.332 -6.288  -24.923 1.00 0.00 ? 3  GLU A HB2  1 
ATOM   41  H HB3  . GLU A 1 3  ? -3.275 -4.860  -25.958 1.00 0.00 ? 3  GLU A HB3  1 
ATOM   42  H HG2  . GLU A 1 3  ? -4.697 -6.065  -27.645 1.00 0.00 ? 3  GLU A HG2  1 
ATOM   43  H HG3  . GLU A 1 3  ? -4.825 -7.417  -26.507 1.00 0.00 ? 3  GLU A HG3  1 
ATOM   44  N N    . PRO A 1 4  ? -0.318 -4.955  -26.259 1.00 0.00 ? 4  PRO A N    1 
ATOM   45  C CA   . PRO A 1 4  ? 0.712  -4.514  -25.333 1.00 0.00 ? 4  PRO A CA   1 
ATOM   46  C C    . PRO A 1 4  ? 0.101  -4.610  -23.933 1.00 0.00 ? 4  PRO A C    1 
ATOM   47  O O    . PRO A 1 4  ? -1.105 -4.408  -23.800 1.00 0.00 ? 4  PRO A O    1 
ATOM   48  C CB   . PRO A 1 4  ? 1.044  -3.078  -25.741 1.00 0.00 ? 4  PRO A CB   1 
ATOM   49  C CG   . PRO A 1 4  ? -0.261 -2.589  -26.371 1.00 0.00 ? 4  PRO A CG   1 
ATOM   50  C CD   . PRO A 1 4  ? -0.812 -3.845  -27.055 1.00 0.00 ? 4  PRO A CD   1 
ATOM   51  H HA   . PRO A 1 4  ? 1.593  -5.150  -25.415 1.00 0.00 ? 4  PRO A HA   1 
ATOM   52  H HB2  . PRO A 1 4  ? 1.342  -2.466  -24.889 1.00 0.00 ? 4  PRO A HB2  1 
ATOM   53  H HB3  . PRO A 1 4  ? 1.830  -3.090  -26.497 1.00 0.00 ? 4  PRO A HB3  1 
ATOM   54  H HG2  . PRO A 1 4  ? -0.947 -2.269  -25.586 1.00 0.00 ? 4  PRO A HG2  1 
ATOM   55  H HG3  . PRO A 1 4  ? -0.090 -1.781  -27.081 1.00 0.00 ? 4  PRO A HG3  1 
ATOM   56  H HD2  . PRO A 1 4  ? -1.897 -3.802  -27.095 1.00 0.00 ? 4  PRO A HD2  1 
ATOM   57  H HD3  . PRO A 1 4  ? -0.405 -3.919  -28.063 1.00 0.00 ? 4  PRO A HD3  1 
ATOM   58  N N    . PRO A 1 5  ? 0.877  -4.954  -22.894 1.00 0.00 ? 5  PRO A N    1 
ATOM   59  C CA   . PRO A 1 5  ? 0.344  -5.239  -21.570 1.00 0.00 ? 5  PRO A CA   1 
ATOM   60  C C    . PRO A 1 5  ? -0.028 -3.937  -20.865 1.00 0.00 ? 5  PRO A C    1 
ATOM   61  O O    . PRO A 1 5  ? 0.644  -3.486  -19.942 1.00 0.00 ? 5  PRO A O    1 
ATOM   62  C CB   . PRO A 1 5  ? 1.455  -6.030  -20.874 1.00 0.00 ? 5  PRO A CB   1 
ATOM   63  C CG   . PRO A 1 5  ? 2.726  -5.450  -21.498 1.00 0.00 ? 5  PRO A CG   1 
ATOM   64  C CD   . PRO A 1 5  ? 2.301  -5.223  -22.949 1.00 0.00 ? 5  PRO A CD   1 
ATOM   65  H HA   . PRO A 1 5  ? -0.557 -5.843  -21.648 1.00 0.00 ? 5  PRO A HA   1 
ATOM   66  H HB2  . PRO A 1 5  ? 1.441  -5.924  -19.791 1.00 0.00 ? 5  PRO A HB2  1 
ATOM   67  H HB3  . PRO A 1 5  ? 1.372  -7.083  -21.146 1.00 0.00 ? 5  PRO A HB3  1 
ATOM   68  H HG2  . PRO A 1 5  ? 2.966  -4.495  -21.029 1.00 0.00 ? 5  PRO A HG2  1 
ATOM   69  H HG3  . PRO A 1 5  ? 3.567  -6.141  -21.425 1.00 0.00 ? 5  PRO A HG3  1 
ATOM   70  H HD2  . PRO A 1 5  ? 2.848  -4.385  -23.381 1.00 0.00 ? 5  PRO A HD2  1 
ATOM   71  H HD3  . PRO A 1 5  ? 2.474  -6.132  -23.528 1.00 0.00 ? 5  PRO A HD3  1 
ATOM   72  N N    . ILE A 1 6  ? -1.119 -3.322  -21.316 1.00 0.00 ? 6  ILE A N    1 
ATOM   73  C CA   . ILE A 1 6  ? -1.392 -1.921  -21.079 1.00 0.00 ? 6  ILE A CA   1 
ATOM   74  C C    . ILE A 1 6  ? -1.794 -1.740  -19.636 1.00 0.00 ? 6  ILE A C    1 
ATOM   75  O O    . ILE A 1 6  ? -1.296 -0.868  -18.936 1.00 0.00 ? 6  ILE A O    1 
ATOM   76  C CB   . ILE A 1 6  ? -2.406 -1.429  -22.132 1.00 0.00 ? 6  ILE A CB   1 
ATOM   77  C CG1  . ILE A 1 6  ? -2.335 0.085   -22.400 1.00 0.00 ? 6  ILE A CG1  1 
ATOM   78  C CG2  . ILE A 1 6  ? -3.846 -1.905  -21.885 1.00 0.00 ? 6  ILE A CG2  1 
ATOM   79  C CD1  . ILE A 1 6  ? -2.708 0.994   -21.226 1.00 0.00 ? 6  ILE A CD1  1 
ATOM   80  H H    . ILE A 1 6  ? -1.674 -3.775  -22.028 1.00 0.00 ? 6  ILE A H    1 
ATOM   81  H HA   . ILE A 1 6  ? -0.460 -1.395  -21.196 1.00 0.00 ? 6  ILE A HA   1 
ATOM   82  H HB   . ILE A 1 6  ? -2.105 -1.893  -23.072 1.00 0.00 ? 6  ILE A HB   1 
ATOM   83  H HG12 . ILE A 1 6  ? -1.321 0.335   -22.717 1.00 0.00 ? 6  ILE A HG12 1 
ATOM   84  H HG13 . ILE A 1 6  ? -3.003 0.313   -23.231 1.00 0.00 ? 6  ILE A HG13 1 
ATOM   85  H HG21 . ILE A 1 6  ? -3.877 -2.994  -21.823 1.00 0.00 ? 6  ILE A HG21 1 
ATOM   86  H HG22 . ILE A 1 6  ? -4.253 -1.477  -20.971 1.00 0.00 ? 6  ILE A HG22 1 
ATOM   87  H HG23 . ILE A 1 6  ? -4.475 -1.601  -22.723 1.00 0.00 ? 6  ILE A HG23 1 
ATOM   88  H HD11 . ILE A 1 6  ? -3.671 0.706   -20.808 1.00 0.00 ? 6  ILE A HD11 1 
ATOM   89  H HD12 . ILE A 1 6  ? -1.938 0.952   -20.459 1.00 0.00 ? 6  ILE A HD12 1 
ATOM   90  H HD13 . ILE A 1 6  ? -2.773 2.022   -21.581 1.00 0.00 ? 6  ILE A HD13 1 
ATOM   91  N N    . SER A 1 7  ? -2.647 -2.629  -19.159 1.00 0.00 ? 7  SER A N    1 
ATOM   92  C CA   . SER A 1 7  ? -3.104 -2.636  -17.804 1.00 0.00 ? 7  SER A CA   1 
ATOM   93  C C    . SER A 1 7  ? -1.975 -2.838  -16.827 1.00 0.00 ? 7  SER A C    1 
ATOM   94  O O    . SER A 1 7  ? -1.975 -2.264  -15.743 1.00 0.00 ? 7  SER A O    1 
ATOM   95  C CB   . SER A 1 7  ? -4.164 -3.724  -17.690 1.00 0.00 ? 7  SER A CB   1 
ATOM   96  O OG   . SER A 1 7  ? -5.045 -3.657  -18.794 1.00 0.00 ? 7  SER A OG   1 
ATOM   97  H H    . SER A 1 7  ? -3.061 -3.316  -19.759 1.00 0.00 ? 7  SER A H    1 
ATOM   98  H HA   . SER A 1 7  ? -3.482 -1.658  -17.599 1.00 0.00 ? 7  SER A HA   1 
ATOM   99  H HB2  . SER A 1 7  ? -3.682 -4.702  -17.684 1.00 0.00 ? 7  SER A HB2  1 
ATOM   100 H HB3  . SER A 1 7  ? -4.709 -3.588  -16.770 1.00 0.00 ? 7  SER A HB3  1 
ATOM   101 H HG   . SER A 1 7  ? -5.629 -2.901  -18.684 1.00 0.00 ? 7  SER A HG   1 
ATOM   102 N N    . LEU A 1 8  ? -1.016 -3.659  -17.219 1.00 0.00 ? 8  LEU A N    1 
ATOM   103 C CA   . LEU A 1 8  ? 0.101  -3.967  -16.361 1.00 0.00 ? 8  LEU A CA   1 
ATOM   104 C C    . LEU A 1 8  ? 1.014  -2.753  -16.252 1.00 0.00 ? 8  LEU A C    1 
ATOM   105 O O    . LEU A 1 8  ? 1.441  -2.399  -15.159 1.00 0.00 ? 8  LEU A O    1 
ATOM   106 C CB   . LEU A 1 8  ? 0.852  -5.179  -16.914 1.00 0.00 ? 8  LEU A CB   1 
ATOM   107 C CG   . LEU A 1 8  ? 1.902  -5.720  -15.934 1.00 0.00 ? 8  LEU A CG   1 
ATOM   108 C CD1  . LEU A 1 8  ? 1.245  -6.350  -14.703 1.00 0.00 ? 8  LEU A CD1  1 
ATOM   109 C CD2  . LEU A 1 8  ? 2.755  -6.776  -16.641 1.00 0.00 ? 8  LEU A CD2  1 
ATOM   110 H H    . LEU A 1 8  ? -1.069 -3.996  -18.166 1.00 0.00 ? 8  LEU A H    1 
ATOM   111 H HA   . LEU A 1 8  ? -0.323 -4.179  -15.383 1.00 0.00 ? 8  LEU A HA   1 
ATOM   112 H HB2  . LEU A 1 8  ? 0.136  -5.965  -17.153 1.00 0.00 ? 8  LEU A HB2  1 
ATOM   113 H HB3  . LEU A 1 8  ? 1.351  -4.872  -17.830 1.00 0.00 ? 8  LEU A HB3  1 
ATOM   114 H HG   . LEU A 1 8  ? 2.556  -4.910  -15.619 1.00 0.00 ? 8  LEU A HG   1 
ATOM   115 H HD11 . LEU A 1 8  ? 0.513  -7.096  -15.009 1.00 0.00 ? 8  LEU A HD11 1 
ATOM   116 H HD12 . LEU A 1 8  ? 2.004  -6.827  -14.083 1.00 0.00 ? 8  LEU A HD12 1 
ATOM   117 H HD13 . LEU A 1 8  ? 0.755  -5.582  -14.105 1.00 0.00 ? 8  LEU A HD13 1 
ATOM   118 H HD21 . LEU A 1 8  ? 2.126  -7.597  -16.988 1.00 0.00 ? 8  LEU A HD21 1 
ATOM   119 H HD22 . LEU A 1 8  ? 3.262  -6.326  -17.495 1.00 0.00 ? 8  LEU A HD22 1 
ATOM   120 H HD23 . LEU A 1 8  ? 3.507  -7.163  -15.954 1.00 0.00 ? 8  LEU A HD23 1 
ATOM   121 N N    . ASP A 1 9  ? 1.306  -2.107  -17.379 1.00 0.00 ? 9  ASP A N    1 
ATOM   122 C CA   . ASP A 1 9  ? 2.181  -0.942  -17.415 1.00 0.00 ? 9  ASP A CA   1 
ATOM   123 C C    . ASP A 1 9  ? 1.574  0.193   -16.592 1.00 0.00 ? 9  ASP A C    1 
ATOM   124 O O    . ASP A 1 9  ? 2.229  0.785   -15.734 1.00 0.00 ? 9  ASP A O    1 
ATOM   125 C CB   . ASP A 1 9  ? 2.409  -0.513  -18.865 1.00 0.00 ? 9  ASP A CB   1 
ATOM   126 C CG   . ASP A 1 9  ? 3.456  0.592   -18.924 1.00 0.00 ? 9  ASP A CG   1 
ATOM   127 O OD1  . ASP A 1 9  ? 4.597  0.306   -18.498 1.00 0.00 ? 9  ASP A OD1  1 
ATOM   128 O OD2  . ASP A 1 9  ? 3.105  1.696   -19.394 1.00 0.00 ? 9  ASP A OD2  1 
ATOM   129 H H    . ASP A 1 9  ? 0.901  -2.425  -18.253 1.00 0.00 ? 9  ASP A H    1 
ATOM   130 H HA   . ASP A 1 9  ? 3.145  -1.208  -16.979 1.00 0.00 ? 9  ASP A HA   1 
ATOM   131 H HB2  . ASP A 1 9  ? 2.764  -1.369  -19.441 1.00 0.00 ? 9  ASP A HB2  1 
ATOM   132 H HB3  . ASP A 1 9  ? 1.471  -0.166  -19.302 1.00 0.00 ? 9  ASP A HB3  1 
ATOM   133 N N    . LEU A 1 10 ? 0.280  0.452   -16.796 1.00 0.00 ? 10 LEU A N    1 
ATOM   134 C CA   . LEU A 1 10 ? -0.445 1.455   -16.032 1.00 0.00 ? 10 LEU A CA   1 
ATOM   135 C C    . LEU A 1 10 ? -0.430 1.089   -14.552 1.00 0.00 ? 10 LEU A C    1 
ATOM   136 O O    . LEU A 1 10 ? -0.242 1.967   -13.715 1.00 0.00 ? 10 LEU A O    1 
ATOM   137 C CB   . LEU A 1 10 ? -1.879 1.636   -16.559 1.00 0.00 ? 10 LEU A CB   1 
ATOM   138 C CG   . LEU A 1 10 ? -2.059 3.000   -17.243 1.00 0.00 ? 10 LEU A CG   1 
ATOM   139 C CD1  . LEU A 1 10 ? -3.409 3.042   -17.964 1.00 0.00 ? 10 LEU A CD1  1 
ATOM   140 C CD2  . LEU A 1 10 ? -2.016 4.143   -16.223 1.00 0.00 ? 10 LEU A CD2  1 
ATOM   141 H H    . LEU A 1 10 ? -0.216 -0.110  -17.475 1.00 0.00 ? 10 LEU A H    1 
ATOM   142 H HA   . LEU A 1 10 ? 0.095  2.393   -16.144 1.00 0.00 ? 10 LEU A HA   1 
ATOM   143 H HB2  . LEU A 1 10 ? -2.108 0.847   -17.273 1.00 0.00 ? 10 LEU A HB2  1 
ATOM   144 H HB3  . LEU A 1 10 ? -2.592 1.556   -15.738 1.00 0.00 ? 10 LEU A HB3  1 
ATOM   145 H HG   . LEU A 1 10 ? -1.268 3.142   -17.980 1.00 0.00 ? 10 LEU A HG   1 
ATOM   146 H HD11 . LEU A 1 10 ? -3.452 2.245   -18.707 1.00 0.00 ? 10 LEU A HD11 1 
ATOM   147 H HD12 . LEU A 1 10 ? -4.220 2.910   -17.249 1.00 0.00 ? 10 LEU A HD12 1 
ATOM   148 H HD13 . LEU A 1 10 ? -3.525 3.999   -18.472 1.00 0.00 ? 10 LEU A HD13 1 
ATOM   149 H HD21 . LEU A 1 10 ? -2.770 3.984   -15.452 1.00 0.00 ? 10 LEU A HD21 1 
ATOM   150 H HD22 . LEU A 1 10 ? -1.035 4.201   -15.753 1.00 0.00 ? 10 LEU A HD22 1 
ATOM   151 H HD23 . LEU A 1 10 ? -2.213 5.090   -16.724 1.00 0.00 ? 10 LEU A HD23 1 
ATOM   152 N N    . THR A 1 11 ? -0.589 -0.197  -14.222 1.00 0.00 ? 11 THR A N    1 
ATOM   153 C CA   . THR A 1 11 ? -0.436 -0.682  -12.857 1.00 0.00 ? 11 THR A CA   1 
ATOM   154 C C    . THR A 1 11 ? 0.958  -0.350  -12.322 1.00 0.00 ? 11 THR A C    1 
ATOM   155 O O    . THR A 1 11 ? 1.080  0.026   -11.165 1.00 0.00 ? 11 THR A O    1 
ATOM   156 C CB   . THR A 1 11 ? -0.790 -2.170  -12.755 1.00 0.00 ? 11 THR A CB   1 
ATOM   157 O OG1  . THR A 1 11 ? -2.181 -2.308  -12.937 1.00 0.00 ? 11 THR A OG1  1 
ATOM   158 C CG2  . THR A 1 11 ? -0.453 -2.774  -11.391 1.00 0.00 ? 11 THR A CG2  1 
ATOM   159 H H    . THR A 1 11 ? -0.702 -0.877  -14.961 1.00 0.00 ? 11 THR A H    1 
ATOM   160 H HA   . THR A 1 11 ? -1.149 -0.151  -12.235 1.00 0.00 ? 11 THR A HA   1 
ATOM   161 H HB   . THR A 1 11 ? -0.271 -2.734  -13.525 1.00 0.00 ? 11 THR A HB   1 
ATOM   162 H HG1  . THR A 1 11 ? -2.379 -2.108  -13.858 1.00 0.00 ? 11 THR A HG1  1 
ATOM   163 H HG21 . THR A 1 11 ? -0.912 -2.180  -10.601 1.00 0.00 ? 11 THR A HG21 1 
ATOM   164 H HG22 . THR A 1 11 ? -0.838 -3.793  -11.344 1.00 0.00 ? 11 THR A HG22 1 
ATOM   165 H HG23 . THR A 1 11 ? 0.627  -2.803  -11.249 1.00 0.00 ? 11 THR A HG23 1 
HETATM 166 N N    . DPN A 1 12 ? 2.003  -0.436  -13.145 1.00 0.00 ? 12 DPN A N    1 
HETATM 167 C CA   . DPN A 1 12 ? 3.336  0.079   -12.853 1.00 0.00 ? 12 DPN A CA   1 
HETATM 168 C C    . DPN A 1 12 ? 3.268  1.476   -12.235 1.00 0.00 ? 12 DPN A C    1 
HETATM 169 O O    . DPN A 1 12 ? 3.917  1.759   -11.226 1.00 0.00 ? 12 DPN A O    1 
HETATM 170 C CB   . DPN A 1 12 ? 4.111  -0.896  -11.960 1.00 0.00 ? 12 DPN A CB   1 
HETATM 171 C CG   . DPN A 1 12 ? 4.186  -2.330  -12.445 1.00 0.00 ? 12 DPN A CG   1 
HETATM 172 C CD1  . DPN A 1 12 ? 4.547  -2.622  -13.774 1.00 0.00 ? 12 DPN A CD1  1 
HETATM 173 C CD2  . DPN A 1 12 ? 3.941  -3.381  -11.541 1.00 0.00 ? 12 DPN A CD2  1 
HETATM 174 C CE1  . DPN A 1 12 ? 4.675  -3.958  -14.189 1.00 0.00 ? 12 DPN A CE1  1 
HETATM 175 C CE2  . DPN A 1 12 ? 4.064  -4.715  -11.959 1.00 0.00 ? 12 DPN A CE2  1 
HETATM 176 C CZ   . DPN A 1 12 ? 4.436  -5.006  -13.283 1.00 0.00 ? 12 DPN A CZ   1 
HETATM 177 H H    . DPN A 1 12 ? 1.842  -0.738  -14.096 1.00 0.00 ? 12 DPN A H    1 
HETATM 178 H HA   . DPN A 1 12 ? 3.868  0.173   -13.799 1.00 0.00 ? 12 DPN A HA   1 
HETATM 179 H HB2  . DPN A 1 12 ? 3.654  -0.890  -10.972 1.00 0.00 ? 12 DPN A HB2  1 
HETATM 180 H HB3  . DPN A 1 12 ? 5.131  -0.528  -11.849 1.00 0.00 ? 12 DPN A HB3  1 
HETATM 181 H HD1  . DPN A 1 12 ? 4.734  -1.825  -14.479 1.00 0.00 ? 12 DPN A HD1  1 
HETATM 182 H HD2  . DPN A 1 12 ? 3.669  -3.166  -10.518 1.00 0.00 ? 12 DPN A HD2  1 
HETATM 183 H HE1  . DPN A 1 12 ? 4.956  -4.176  -15.210 1.00 0.00 ? 12 DPN A HE1  1 
HETATM 184 H HE2  . DPN A 1 12 ? 3.879  -5.511  -11.253 1.00 0.00 ? 12 DPN A HE2  1 
HETATM 185 H HZ   . DPN A 1 12 ? 4.538  -6.032  -13.605 1.00 0.00 ? 12 DPN A HZ   1 
ATOM   186 N N    . HIS A 1 13 ? 2.484  2.368   -12.843 1.00 0.00 ? 13 HIS A N    1 
ATOM   187 C CA   . HIS A 1 13 ? 2.326  3.719   -12.332 1.00 0.00 ? 13 HIS A CA   1 
ATOM   188 C C    . HIS A 1 13 ? 1.540  3.705   -11.020 1.00 0.00 ? 13 HIS A C    1 
ATOM   189 O O    . HIS A 1 13 ? 2.050  4.089   -9.969  1.00 0.00 ? 13 HIS A O    1 
ATOM   190 C CB   . HIS A 1 13 ? 1.681  4.622   -13.394 1.00 0.00 ? 13 HIS A CB   1 
ATOM   191 C CG   . HIS A 1 13 ? 2.025  6.084   -13.175 1.00 0.00 ? 13 HIS A CG   1 
ATOM   192 N ND1  . HIS A 1 13 ? 3.067  6.771   -13.825 1.00 0.00 ? 13 HIS A ND1  1 
ATOM   193 C CD2  . HIS A 1 13 ? 1.359  6.854   -12.264 1.00 0.00 ? 13 HIS A CD2  1 
ATOM   194 C CE1  . HIS A 1 13 ? 2.918  7.975   -13.213 1.00 0.00 ? 13 HIS A CE1  1 
ATOM   195 N NE2  . HIS A 1 13 ? 1.951  8.091   -12.299 1.00 0.00 ? 13 HIS A NE2  1 
ATOM   196 H H    . HIS A 1 13 ? 1.956  2.076   -13.658 1.00 0.00 ? 13 HIS A H    1 
ATOM   197 H HA   . HIS A 1 13 ? 3.317  4.102   -12.111 1.00 0.00 ? 13 HIS A HA   1 
ATOM   198 H HB2  . HIS A 1 13 ? 2.023  4.309   -14.381 1.00 0.00 ? 13 HIS A HB2  1 
ATOM   199 H HB3  . HIS A 1 13 ? 0.597  4.498   -13.382 1.00 0.00 ? 13 HIS A HB3  1 
ATOM   200 H HD1  . HIS A 1 13 ? 3.086  5.844   -14.209 1.00 0.00 ? 13 HIS A HD1  1 
ATOM   201 H HD2  . HIS A 1 13 ? 0.537  6.555   -11.626 1.00 0.00 ? 13 HIS A HD2  1 
ATOM   202 H HE1  . HIS A 1 13 ? 3.564  8.805   -13.458 1.00 0.00 ? 13 HIS A HE1  1 
ATOM   203 N N    . LEU A 1 14 ? 0.285  3.261   -11.072 1.00 0.00 ? 14 LEU A N    1 
ATOM   204 C CA   . LEU A 1 14 ? -0.637 3.330   -9.942  1.00 0.00 ? 14 LEU A CA   1 
ATOM   205 C C    . LEU A 1 14 ? -0.388 2.235   -8.906  1.00 0.00 ? 14 LEU A C    1 
ATOM   206 O O    . LEU A 1 14 ? -1.167 2.089   -7.971  1.00 0.00 ? 14 LEU A O    1 
ATOM   207 C CB   . LEU A 1 14 ? -2.098 3.400   -10.415 1.00 0.00 ? 14 LEU A CB   1 
ATOM   208 C CG   . LEU A 1 14 ? -2.641 2.177   -11.170 1.00 0.00 ? 14 LEU A CG   1 
ATOM   209 C CD1  . LEU A 1 14 ? -3.148 1.062   -10.250 1.00 0.00 ? 14 LEU A CD1  1 
ATOM   210 C CD2  . LEU A 1 14 ? -3.801 2.620   -12.066 1.00 0.00 ? 14 LEU A CD2  1 
ATOM   211 H H    . LEU A 1 14 ? -0.025 2.874   -11.950 1.00 0.00 ? 14 LEU A H    1 
ATOM   212 H HA   . LEU A 1 14 ? -0.443 4.274   -9.430  1.00 0.00 ? 14 LEU A HA   1 
ATOM   213 H HB2  . LEU A 1 14 ? -2.738 3.596   -9.555  1.00 0.00 ? 14 LEU A HB2  1 
ATOM   214 H HB3  . LEU A 1 14 ? -2.170 4.271   -11.068 1.00 0.00 ? 14 LEU A HB3  1 
ATOM   215 H HG   . LEU A 1 14 ? -1.861 1.781   -11.810 1.00 0.00 ? 14 LEU A HG   1 
ATOM   216 H HD11 . LEU A 1 14 ? -3.880 1.462   -9.549  1.00 0.00 ? 14 LEU A HD11 1 
ATOM   217 H HD12 . LEU A 1 14 ? -3.613 0.276   -10.844 1.00 0.00 ? 14 LEU A HD12 1 
ATOM   218 H HD13 . LEU A 1 14 ? -2.323 0.617   -9.696  1.00 0.00 ? 14 LEU A HD13 1 
ATOM   219 H HD21 . LEU A 1 14 ? -4.587 3.073   -11.458 1.00 0.00 ? 14 LEU A HD21 1 
ATOM   220 H HD22 . LEU A 1 14 ? -3.445 3.350   -12.794 1.00 0.00 ? 14 LEU A HD22 1 
ATOM   221 H HD23 . LEU A 1 14 ? -4.205 1.763   -12.604 1.00 0.00 ? 14 LEU A HD23 1 
HETATM 222 N N    . AIB A 1 15 ? 0.745  1.534   -8.979  1.00 0.00 ? 15 AIB A N    1 
HETATM 223 C CA   . AIB A 1 15 ? 1.356  0.830   -7.862  1.00 0.00 ? 15 AIB A CA   1 
HETATM 224 C C    . AIB A 1 15 ? 1.607  1.842   -6.735  1.00 0.00 ? 15 AIB A C    1 
HETATM 225 O O    . AIB A 1 15 ? 1.543  1.506   -5.555  1.00 0.00 ? 15 AIB A O    1 
HETATM 226 C CB1  . AIB A 1 15 ? 2.686  0.217   -8.320  1.00 0.00 ? 15 AIB A CB1  1 
HETATM 227 C CB2  . AIB A 1 15 ? 0.460  -0.344  -7.434  1.00 0.00 ? 15 AIB A CB2  1 
HETATM 228 H H    . AIB A 1 15 ? 1.308  1.625   -9.811  1.00 0.00 ? 15 AIB A H    1 
HETATM 229 H HB11 . AIB A 1 15 ? 3.198  -0.236  -7.471  1.00 0.00 ? 15 AIB A HB11 1 
HETATM 230 H HB12 . AIB A 1 15 ? 3.328  0.985   -8.753  1.00 0.00 ? 15 AIB A HB12 1 
HETATM 231 H HB13 . AIB A 1 15 ? 2.500  -0.557  -9.065  1.00 0.00 ? 15 AIB A HB13 1 
HETATM 232 H HB21 . AIB A 1 15 ? 0.199  -0.954  -8.300  1.00 0.00 ? 15 AIB A HB21 1 
HETATM 233 H HB22 . AIB A 1 15 ? -0.460 0.011   -6.973  1.00 0.00 ? 15 AIB A HB22 1 
HETATM 234 H HB23 . AIB A 1 15 ? 0.986  -0.964  -6.713  1.00 0.00 ? 15 AIB A HB23 1 
ATOM   235 N N    . ARG A 1 16 ? 1.861  3.111   -7.076  1.00 0.00 ? 16 ARG A N    1 
ATOM   236 C CA   . ARG A 1 16 ? 1.980  4.167   -6.072  1.00 0.00 ? 16 ARG A CA   1 
ATOM   237 C C    . ARG A 1 16 ? 0.669  4.435   -5.334  1.00 0.00 ? 16 ARG A C    1 
ATOM   238 O O    . ARG A 1 16 ? 0.642  5.125   -4.324  1.00 0.00 ? 16 ARG A O    1 
ATOM   239 C CB   . ARG A 1 16 ? 2.570  5.442   -6.694  1.00 0.00 ? 16 ARG A CB   1 
ATOM   240 C CG   . ARG A 1 16 ? 4.083  5.489   -6.469  1.00 0.00 ? 16 ARG A CG   1 
ATOM   241 C CD   . ARG A 1 16 ? 4.789  4.227   -6.976  1.00 0.00 ? 16 ARG A CD   1 
ATOM   242 N NE   . ARG A 1 16 ? 6.172  4.164   -6.497  1.00 0.00 ? 16 ARG A NE   1 
ATOM   243 C CZ   . ARG A 1 16 ? 7.171  3.547   -7.134  1.00 0.00 ? 16 ARG A CZ   1 
ATOM   244 N NH1  . ARG A 1 16 ? 6.925  2.840   -8.241  1.00 0.00 ? 16 ARG A NH1  1 
ATOM   245 N NH2  . ARG A 1 16 ? 8.416  3.635   -6.667  1.00 0.00 ? 16 ARG A NH2  1 
ATOM   246 H H    . ARG A 1 16 ? 1.927  3.361   -8.056  1.00 0.00 ? 16 ARG A H    1 
ATOM   247 H HA   . ARG A 1 16 ? 2.654  3.793   -5.316  1.00 0.00 ? 16 ARG A HA   1 
ATOM   248 H HB2  . ARG A 1 16 ? 2.347  5.489   -7.761  1.00 0.00 ? 16 ARG A HB2  1 
ATOM   249 H HB3  . ARG A 1 16 ? 2.134  6.322   -6.217  1.00 0.00 ? 16 ARG A HB3  1 
ATOM   250 H HG2  . ARG A 1 16 ? 4.497  6.361   -6.976  1.00 0.00 ? 16 ARG A HG2  1 
ATOM   251 H HG3  . ARG A 1 16 ? 4.257  5.606   -5.402  1.00 0.00 ? 16 ARG A HG3  1 
ATOM   252 H HD2  . ARG A 1 16 ? 4.291  3.335   -6.604  1.00 0.00 ? 16 ARG A HD2  1 
ATOM   253 H HD3  . ARG A 1 16 ? 4.755  4.232   -8.064  1.00 0.00 ? 16 ARG A HD3  1 
ATOM   254 H HE   . ARG A 1 16 ? 6.300  4.537   -5.553  1.00 0.00 ? 16 ARG A HE   1 
ATOM   255 H HH11 . ARG A 1 16 ? 5.979  2.752   -8.582  1.00 0.00 ? 16 ARG A HH11 1 
ATOM   256 H HH12 . ARG A 1 16 ? 7.647  2.353   -8.748  1.00 0.00 ? 16 ARG A HH12 1 
ATOM   257 H HH21 . ARG A 1 16 ? 8.596  4.184   -5.838  1.00 0.00 ? 16 ARG A HH21 1 
ATOM   258 H HH22 . ARG A 1 16 ? 9.195  3.194   -7.131  1.00 0.00 ? 16 ARG A HH22 1 
ATOM   259 N N    . GLU A 1 17 ? -0.416 3.850   -5.810  1.00 0.00 ? 17 GLU A N    1 
ATOM   260 C CA   . GLU A 1 17 ? -1.705 3.828   -5.172  1.00 0.00 ? 17 GLU A CA   1 
ATOM   261 C C    . GLU A 1 17 ? -1.787 2.502   -4.414  1.00 0.00 ? 17 GLU A C    1 
ATOM   262 O O    . GLU A 1 17 ? -1.765 2.428   -3.191  1.00 0.00 ? 17 GLU A O    1 
ATOM   263 C CB   . GLU A 1 17 ? -2.760 3.973   -6.275  1.00 0.00 ? 17 GLU A CB   1 
ATOM   264 C CG   . GLU A 1 17 ? -3.742 5.122   -6.050  1.00 0.00 ? 17 GLU A CG   1 
ATOM   265 C CD   . GLU A 1 17 ? -4.494 5.469   -7.337  1.00 0.00 ? 17 GLU A CD   1 
ATOM   266 O OE1  . GLU A 1 17 ? -3.810 5.814   -8.327  1.00 0.00 ? 17 GLU A OE1  1 
ATOM   267 O OE2  . GLU A 1 17 ? -5.740 5.388   -7.312  1.00 0.00 ? 17 GLU A OE2  1 
ATOM   268 H H    . GLU A 1 17 ? -0.354 3.304   -6.647  1.00 0.00 ? 17 GLU A H    1 
ATOM   269 H HA   . GLU A 1 17 ? -1.793 4.668   -4.500  1.00 0.00 ? 17 GLU A HA   1 
ATOM   270 H HB2  . GLU A 1 17 ? -2.227 4.182   -7.195  1.00 0.00 ? 17 GLU A HB2  1 
ATOM   271 H HB3  . GLU A 1 17 ? -3.309 3.044   -6.395  1.00 0.00 ? 17 GLU A HB3  1 
ATOM   272 H HG2  . GLU A 1 17 ? -4.456 4.824   -5.283  1.00 0.00 ? 17 GLU A HG2  1 
ATOM   273 H HG3  . GLU A 1 17 ? -3.195 6.005   -5.714  1.00 0.00 ? 17 GLU A HG3  1 
ATOM   274 N N    . VAL A 1 18 ? -1.830 1.396   -5.139  1.00 0.00 ? 18 VAL A N    1 
ATOM   275 C CA   . VAL A 1 18 ? -2.345 0.171   -4.550  1.00 0.00 ? 18 VAL A CA   1 
ATOM   276 C C    . VAL A 1 18 ? -1.299 -0.558  -3.712  1.00 0.00 ? 18 VAL A C    1 
ATOM   277 O O    . VAL A 1 18 ? -1.633 -1.485  -2.980  1.00 0.00 ? 18 VAL A O    1 
ATOM   278 C CB   . VAL A 1 18 ? -2.948 -0.724  -5.660  1.00 0.00 ? 18 VAL A CB   1 
ATOM   279 C CG1  . VAL A 1 18 ? -2.237 -2.064  -5.915  1.00 0.00 ? 18 VAL A CG1  1 
ATOM   280 C CG2  . VAL A 1 18 ? -4.400 -1.037  -5.322  1.00 0.00 ? 18 VAL A CG2  1 
ATOM   281 H H    . VAL A 1 18 ? -1.773 1.508   -6.137  1.00 0.00 ? 18 VAL A H    1 
ATOM   282 H HA   . VAL A 1 18 ? -3.120 0.512   -3.857  1.00 0.00 ? 18 VAL A HA   1 
ATOM   283 H HB   . VAL A 1 18 ? -2.947 -0.168  -6.600  1.00 0.00 ? 18 VAL A HB   1 
ATOM   284 H HG11 . VAL A 1 18 ? -1.169 -1.920  -6.057  1.00 0.00 ? 18 VAL A HG11 1 
ATOM   285 H HG12 . VAL A 1 18 ? -2.391 -2.743  -5.075  1.00 0.00 ? 18 VAL A HG12 1 
ATOM   286 H HG13 . VAL A 1 18 ? -2.645 -2.528  -6.814  1.00 0.00 ? 18 VAL A HG13 1 
ATOM   287 H HG21 . VAL A 1 18 ? -4.957 -0.107  -5.232  1.00 0.00 ? 18 VAL A HG21 1 
ATOM   288 H HG22 . VAL A 1 18 ? -4.829 -1.638  -6.122  1.00 0.00 ? 18 VAL A HG22 1 
ATOM   289 H HG23 . VAL A 1 18 ? -4.443 -1.588  -4.383  1.00 0.00 ? 18 VAL A HG23 1 
ATOM   290 N N    . LEU A 1 19 ? -0.038 -0.141  -3.797  1.00 0.00 ? 19 LEU A N    1 
ATOM   291 C CA   . LEU A 1 19 ? 1.060  -0.697  -3.046  1.00 0.00 ? 19 LEU A CA   1 
ATOM   292 C C    . LEU A 1 19 ? 1.616  0.346   -2.108  1.00 0.00 ? 19 LEU A C    1 
ATOM   293 O O    . LEU A 1 19 ? 1.822  0.035   -0.953  1.00 0.00 ? 19 LEU A O    1 
ATOM   294 C CB   . LEU A 1 19 ? 2.124  -1.245  -3.998  1.00 0.00 ? 19 LEU A CB   1 
ATOM   295 C CG   . LEU A 1 19 ? 3.142  -2.143  -3.276  1.00 0.00 ? 19 LEU A CG   1 
ATOM   296 C CD1  . LEU A 1 19 ? 3.685  -3.185  -4.257  1.00 0.00 ? 19 LEU A CD1  1 
ATOM   297 C CD2  . LEU A 1 19 ? 4.341  -1.364  -2.718  1.00 0.00 ? 19 LEU A CD2  1 
ATOM   298 H H    . LEU A 1 19 ? 0.189  0.596   -4.434  1.00 0.00 ? 19 LEU A H    1 
ATOM   299 H HA   . LEU A 1 19 ? 0.671  -1.508  -2.438  1.00 0.00 ? 19 LEU A HA   1 
ATOM   300 H HB2  . LEU A 1 19 ? 1.585  -1.818  -4.746  1.00 0.00 ? 19 LEU A HB2  1 
ATOM   301 H HB3  . LEU A 1 19 ? 2.649  -0.435  -4.502  1.00 0.00 ? 19 LEU A HB3  1 
ATOM   302 H HG   . LEU A 1 19 ? 2.640  -2.665  -2.463  1.00 0.00 ? 19 LEU A HG   1 
ATOM   303 H HD11 . LEU A 1 19 ? 4.177  -2.689  -5.095  1.00 0.00 ? 19 LEU A HD11 1 
ATOM   304 H HD12 . LEU A 1 19 ? 4.400  -3.833  -3.750  1.00 0.00 ? 19 LEU A HD12 1 
ATOM   305 H HD13 . LEU A 1 19 ? 2.866  -3.800  -4.632  1.00 0.00 ? 19 LEU A HD13 1 
ATOM   306 H HD21 . LEU A 1 19 ? 4.834  -0.810  -3.517  1.00 0.00 ? 19 LEU A HD21 1 
ATOM   307 H HD22 . LEU A 1 19 ? 4.026  -0.666  -1.946  1.00 0.00 ? 19 LEU A HD22 1 
ATOM   308 H HD23 . LEU A 1 19 ? 5.054  -2.057  -2.273  1.00 0.00 ? 19 LEU A HD23 1 
ATOM   309 N N    . GLU A 1 20 ? 1.885  1.564   -2.560  1.00 0.00 ? 20 GLU A N    1 
ATOM   310 C CA   . GLU A 1 20 ? 2.441  2.582   -1.689  1.00 0.00 ? 20 GLU A CA   1 
ATOM   311 C C    . GLU A 1 20 ? 1.362  3.097   -0.750  1.00 0.00 ? 20 GLU A C    1 
ATOM   312 O O    . GLU A 1 20 ? 1.604  3.209   0.447   1.00 0.00 ? 20 GLU A O    1 
ATOM   313 C CB   . GLU A 1 20 ? 3.081  3.705   -2.512  1.00 0.00 ? 20 GLU A CB   1 
ATOM   314 C CG   . GLU A 1 20 ? 4.276  4.366   -1.816  1.00 0.00 ? 20 GLU A CG   1 
ATOM   315 C CD   . GLU A 1 20 ? 5.101  5.205   -2.802  1.00 0.00 ? 20 GLU A CD   1 
ATOM   316 O OE1  . GLU A 1 20 ? 5.744  4.600   -3.695  1.00 0.00 ? 20 GLU A OE1  1 
ATOM   317 O OE2  . GLU A 1 20 ? 5.086  6.447   -2.666  1.00 0.00 ? 20 GLU A OE2  1 
ATOM   318 H H    . GLU A 1 20 ? 1.732  1.776   -3.527  1.00 0.00 ? 20 GLU A H    1 
ATOM   319 H HA   . GLU A 1 20 ? 3.202  2.107   -1.077  1.00 0.00 ? 20 GLU A HA   1 
ATOM   320 H HB2  . GLU A 1 20 ? 3.438  3.272   -3.444  1.00 0.00 ? 20 GLU A HB2  1 
ATOM   321 H HB3  . GLU A 1 20 ? 2.324  4.462   -2.712  1.00 0.00 ? 20 GLU A HB3  1 
ATOM   322 H HG2  . GLU A 1 20 ? 3.909  4.993   -1.001  1.00 0.00 ? 20 GLU A HG2  1 
ATOM   323 H HG3  . GLU A 1 20 ? 4.918  3.594   -1.391  1.00 0.00 ? 20 GLU A HG3  1 
ATOM   324 N N    . MET A 1 21 ? 0.158  3.375   -1.262  1.00 0.00 ? 21 MET A N    1 
ATOM   325 C CA   . MET A 1 21 ? -0.917 3.843   -0.407  1.00 0.00 ? 21 MET A CA   1 
ATOM   326 C C    . MET A 1 21 ? -1.346 2.713   0.501   1.00 0.00 ? 21 MET A C    1 
ATOM   327 O O    . MET A 1 21 ? -1.461 2.918   1.700   1.00 0.00 ? 21 MET A O    1 
ATOM   328 C CB   . MET A 1 21 ? -2.138 4.341   -1.181  1.00 0.00 ? 21 MET A CB   1 
ATOM   329 C CG   . MET A 1 21 ? -2.652 5.645   -0.568  1.00 0.00 ? 21 MET A CG   1 
ATOM   330 S SD   . MET A 1 21 ? -4.229 6.232   -1.238  1.00 0.00 ? 21 MET A SD   1 
ATOM   331 C CE   . MET A 1 21 ? -3.867 6.111   -3.005  1.00 0.00 ? 21 MET A CE   1 
ATOM   332 H H    . MET A 1 21 ? -0.045 3.178   -2.230  1.00 0.00 ? 21 MET A H    1 
ATOM   333 H HA   . MET A 1 21 ? -0.519 4.658   0.195   1.00 0.00 ? 21 MET A HA   1 
ATOM   334 H HB2  . MET A 1 21 ? -1.884 4.479   -2.226  1.00 0.00 ? 21 MET A HB2  1 
ATOM   335 H HB3  . MET A 1 21 ? -2.930 3.599   -1.131  1.00 0.00 ? 21 MET A HB3  1 
ATOM   336 H HG2  . MET A 1 21 ? -2.780 5.498   0.506   1.00 0.00 ? 21 MET A HG2  1 
ATOM   337 H HG3  . MET A 1 21 ? -1.900 6.420   -0.719  1.00 0.00 ? 21 MET A HG3  1 
ATOM   338 H HE1  . MET A 1 21 ? -2.952 6.658   -3.233  1.00 0.00 ? 21 MET A HE1  1 
ATOM   339 H HE2  . MET A 1 21 ? -3.741 5.061   -3.273  1.00 0.00 ? 21 MET A HE2  1 
ATOM   340 H HE3  . MET A 1 21 ? -4.694 6.531   -3.577  1.00 0.00 ? 21 MET A HE3  1 
ATOM   341 N N    . ALA A 1 22 ? -1.592 1.524   -0.057  1.00 0.00 ? 22 ALA A N    1 
ATOM   342 C CA   . ALA A 1 22 ? -2.000 0.397   0.780   1.00 0.00 ? 22 ALA A CA   1 
ATOM   343 C C    . ALA A 1 22 ? -0.958 0.130   1.870   1.00 0.00 ? 22 ALA A C    1 
ATOM   344 O O    . ALA A 1 22 ? -1.286 -0.024  3.045   1.00 0.00 ? 22 ALA A O    1 
ATOM   345 C CB   . ALA A 1 22 ? -2.218 -0.853  -0.072  1.00 0.00 ? 22 ALA A CB   1 
ATOM   346 H H    . ALA A 1 22 ? -1.540 1.449   -1.074  1.00 0.00 ? 22 ALA A H    1 
ATOM   347 H HA   . ALA A 1 22 ? -2.944 0.652   1.268   1.00 0.00 ? 22 ALA A HA   1 
ATOM   348 H HB1  . ALA A 1 22 ? -1.277 -1.161  -0.526  1.00 0.00 ? 22 ALA A HB1  1 
ATOM   349 H HB2  . ALA A 1 22 ? -2.585 -1.663  0.559   1.00 0.00 ? 22 ALA A HB2  1 
ATOM   350 H HB3  . ALA A 1 22 ? -2.955 -0.650  -0.849  1.00 0.00 ? 22 ALA A HB3  1 
ATOM   351 N N    . ARG A 1 23 ? 0.318  0.071   1.485   1.00 0.00 ? 23 ARG A N    1 
ATOM   352 C CA   . ARG A 1 23 ? 1.394  -0.244  2.415   1.00 0.00 ? 23 ARG A CA   1 
ATOM   353 C C    . ARG A 1 23 ? 1.525  0.838   3.474   1.00 0.00 ? 23 ARG A C    1 
ATOM   354 O O    . ARG A 1 23 ? 1.853  0.532   4.612   1.00 0.00 ? 23 ARG A O    1 
ATOM   355 C CB   . ARG A 1 23 ? 2.698  -0.428  1.639   1.00 0.00 ? 23 ARG A CB   1 
ATOM   356 C CG   . ARG A 1 23 ? 3.916  -0.788  2.482   1.00 0.00 ? 23 ARG A CG   1 
ATOM   357 C CD   . ARG A 1 23 ? 5.083  -0.966  1.505   1.00 0.00 ? 23 ARG A CD   1 
ATOM   358 N NE   . ARG A 1 23 ? 6.372  -1.148  2.188   1.00 0.00 ? 23 ARG A NE   1 
ATOM   359 C CZ   . ARG A 1 23 ? 7.087  -2.280  2.253   1.00 0.00 ? 23 ARG A CZ   1 
ATOM   360 N NH1  . ARG A 1 23 ? 6.571  -3.436  1.831   1.00 0.00 ? 23 ARG A NH1  1 
ATOM   361 N NH2  . ARG A 1 23 ? 8.329  -2.250  2.737   1.00 0.00 ? 23 ARG A NH2  1 
ATOM   362 H H    . ARG A 1 23 ? 0.548  0.260   0.516   1.00 0.00 ? 23 ARG A H    1 
ATOM   363 H HA   . ARG A 1 23 ? 1.137  -1.178  2.910   1.00 0.00 ? 23 ARG A HA   1 
ATOM   364 H HB2  . ARG A 1 23 ? 2.553  -1.237  0.922   1.00 0.00 ? 23 ARG A HB2  1 
ATOM   365 H HB3  . ARG A 1 23 ? 2.924  0.504   1.119   1.00 0.00 ? 23 ARG A HB3  1 
ATOM   366 H HG2  . ARG A 1 23 ? 4.132  0.026   3.173   1.00 0.00 ? 23 ARG A HG2  1 
ATOM   367 H HG3  . ARG A 1 23 ? 3.726  -1.711  3.028   1.00 0.00 ? 23 ARG A HG3  1 
ATOM   368 H HD2  . ARG A 1 23 ? 4.872  -1.800  0.836   1.00 0.00 ? 23 ARG A HD2  1 
ATOM   369 H HD3  . ARG A 1 23 ? 5.156  -0.068  0.889   1.00 0.00 ? 23 ARG A HD3  1 
ATOM   370 H HE   . ARG A 1 23 ? 6.767  -0.296  2.560   1.00 0.00 ? 23 ARG A HE   1 
ATOM   371 H HH11 . ARG A 1 23 ? 5.617  -3.471  1.510   1.00 0.00 ? 23 ARG A HH11 1 
ATOM   372 H HH12 . ARG A 1 23 ? 7.093  -4.299  1.855   1.00 0.00 ? 23 ARG A HH12 1 
ATOM   373 H HH21 . ARG A 1 23 ? 8.744  -1.383  3.046   1.00 0.00 ? 23 ARG A HH21 1 
ATOM   374 H HH22 . ARG A 1 23 ? 8.898  -3.080  2.791   1.00 0.00 ? 23 ARG A HH22 1 
ATOM   375 N N    . ALA A 1 24 ? 1.312  2.099   3.106   1.00 0.00 ? 24 ALA A N    1 
ATOM   376 C CA   . ALA A 1 24 ? 1.385  3.231   4.004   1.00 0.00 ? 24 ALA A CA   1 
ATOM   377 C C    . ALA A 1 24 ? 0.251  3.189   5.016   1.00 0.00 ? 24 ALA A C    1 
ATOM   378 O O    . ALA A 1 24 ? 0.492  3.393   6.197   1.00 0.00 ? 24 ALA A O    1 
ATOM   379 C CB   . ALA A 1 24 ? 1.335  4.537   3.213   1.00 0.00 ? 24 ALA A CB   1 
ATOM   380 H H    . ALA A 1 24 ? 1.092  2.293   2.146   1.00 0.00 ? 24 ALA A H    1 
ATOM   381 H HA   . ALA A 1 24 ? 2.326  3.175   4.541   1.00 0.00 ? 24 ALA A HA   1 
ATOM   382 H HB1  . ALA A 1 24 ? 2.206  4.604   2.563   1.00 0.00 ? 24 ALA A HB1  1 
ATOM   383 H HB2  . ALA A 1 24 ? 0.427  4.578   2.608   1.00 0.00 ? 24 ALA A HB2  1 
ATOM   384 H HB3  . ALA A 1 24 ? 1.343  5.376   3.909   1.00 0.00 ? 24 ALA A HB3  1 
ATOM   385 N N    . GLU A 1 25 ? -0.976 2.931   4.571   1.00 0.00 ? 25 GLU A N    1 
ATOM   386 C CA   . GLU A 1 25 ? -2.148 2.832   5.423   1.00 0.00 ? 25 GLU A CA   1 
ATOM   387 C C    . GLU A 1 25 ? -1.941 1.702   6.420   1.00 0.00 ? 25 GLU A C    1 
ATOM   388 O O    . GLU A 1 25 ? -2.279 1.842   7.587   1.00 0.00 ? 25 GLU A O    1 
ATOM   389 C CB   . GLU A 1 25 ? -3.402 2.623   4.570   1.00 0.00 ? 25 GLU A CB   1 
ATOM   390 C CG   . GLU A 1 25 ? -4.659 2.535   5.443   1.00 0.00 ? 25 GLU A CG   1 
ATOM   391 C CD   . GLU A 1 25 ? -5.926 2.503   4.589   1.00 0.00 ? 25 GLU A CD   1 
ATOM   392 O OE1  . GLU A 1 25 ? -6.162 1.451   3.955   1.00 0.00 ? 25 GLU A OE1  1 
ATOM   393 O OE2  . GLU A 1 25 ? -6.636 3.533   4.577   1.00 0.00 ? 25 GLU A OE2  1 
ATOM   394 H H    . GLU A 1 25 ? -1.105 2.735   3.594   1.00 0.00 ? 25 GLU A H    1 
ATOM   395 H HA   . GLU A 1 25 ? -2.263 3.762   5.974   1.00 0.00 ? 25 GLU A HA   1 
ATOM   396 H HB2  . GLU A 1 25 ? -3.502 3.466   3.886   1.00 0.00 ? 25 GLU A HB2  1 
ATOM   397 H HB3  . GLU A 1 25 ? -3.294 1.709   3.990   1.00 0.00 ? 25 GLU A HB3  1 
ATOM   398 H HG2  . GLU A 1 25 ? -4.620 1.631   6.052   1.00 0.00 ? 25 GLU A HG2  1 
ATOM   399 H HG3  . GLU A 1 25 ? -4.690 3.398   6.111   1.00 0.00 ? 25 GLU A HG3  1 
ATOM   400 N N    . GLN A 1 26 ? -1.332 0.599   5.989   1.00 0.00 ? 26 GLN A N    1 
ATOM   401 C CA   . GLN A 1 26 ? -0.964 -0.472  6.882   1.00 0.00 ? 26 GLN A CA   1 
ATOM   402 C C    . GLN A 1 26 ? 0.091  0.004   7.856   1.00 0.00 ? 26 GLN A C    1 
ATOM   403 O O    . GLN A 1 26 ? -0.044 -0.239  9.049   1.00 0.00 ? 26 GLN A O    1 
ATOM   404 C CB   . GLN A 1 26 ? -0.503 -1.722  6.128   1.00 0.00 ? 26 GLN A CB   1 
ATOM   405 C CG   . GLN A 1 26 ? -0.087 -2.821  7.124   1.00 0.00 ? 26 GLN A CG   1 
ATOM   406 C CD   . GLN A 1 26 ? 0.451  -4.082  6.458   1.00 0.00 ? 26 GLN A CD   1 
ATOM   407 O OE1  . GLN A 1 26 ? 0.311  -4.295  5.260   1.00 0.00 ? 26 GLN A OE1  1 
ATOM   408 N NE2  . GLN A 1 26 ? 1.095  -4.938  7.240   1.00 0.00 ? 26 GLN A NE2  1 
ATOM   409 H H    . GLN A 1 26 ? -1.068 0.539   5.024   1.00 0.00 ? 26 GLN A H    1 
ATOM   410 H HA   . GLN A 1 26 ? -1.842 -0.714  7.455   1.00 0.00 ? 26 GLN A HA   1 
ATOM   411 H HB2  . GLN A 1 26 ? -1.331 -2.077  5.518   1.00 0.00 ? 26 GLN A HB2  1 
ATOM   412 H HB3  . GLN A 1 26 ? 0.338  -1.466  5.490   1.00 0.00 ? 26 GLN A HB3  1 
ATOM   413 H HG2  . GLN A 1 26 ? 0.703  -2.451  7.777   1.00 0.00 ? 26 GLN A HG2  1 
ATOM   414 H HG3  . GLN A 1 26 ? -0.947 -3.089  7.740   1.00 0.00 ? 26 GLN A HG3  1 
ATOM   415 H HE21 . GLN A 1 26 ? 1.220  -4.727  8.227   1.00 0.00 ? 26 GLN A HE21 1 
ATOM   416 H HE22 . GLN A 1 26 ? 1.457  -5.781  6.828   1.00 0.00 ? 26 GLN A HE22 1 
ATOM   417 N N    . LEU A 1 27 ? 1.145  0.669   7.383   1.00 0.00 ? 27 LEU A N    1 
ATOM   418 C CA   . LEU A 1 27 ? 2.183  1.113   8.291   1.00 0.00 ? 27 LEU A CA   1 
ATOM   419 C C    . LEU A 1 27 ? 1.594  2.117   9.274   1.00 0.00 ? 27 LEU A C    1 
ATOM   420 O O    . LEU A 1 27 ? 2.080  2.229   10.390  1.00 0.00 ? 27 LEU A O    1 
ATOM   421 C CB   . LEU A 1 27 ? 3.375  1.719   7.533   1.00 0.00 ? 27 LEU A CB   1 
ATOM   422 C CG   . LEU A 1 27 ? 4.617  0.820   7.635   1.00 0.00 ? 27 LEU A CG   1 
ATOM   423 C CD1  . LEU A 1 27 ? 4.584  -0.265  6.557   1.00 0.00 ? 27 LEU A CD1  1 
ATOM   424 C CD2  . LEU A 1 27 ? 5.894  1.650   7.480   1.00 0.00 ? 27 LEU A CD2  1 
ATOM   425 H H    . LEU A 1 27 ? 1.186  0.967   6.415   1.00 0.00 ? 27 LEU A H    1 
ATOM   426 H HA   . LEU A 1 27 ? 2.518  0.253   8.872   1.00 0.00 ? 27 LEU A HA   1 
ATOM   427 H HB2  . LEU A 1 27 ? 3.127  1.899   6.488   1.00 0.00 ? 27 LEU A HB2  1 
ATOM   428 H HB3  . LEU A 1 27 ? 3.603  2.685   7.976   1.00 0.00 ? 27 LEU A HB3  1 
ATOM   429 H HG   . LEU A 1 27 ? 4.648  0.348   8.617   1.00 0.00 ? 27 LEU A HG   1 
ATOM   430 H HD11 . LEU A 1 27 ? 3.660  -0.839  6.639   1.00 0.00 ? 27 LEU A HD11 1 
ATOM   431 H HD12 . LEU A 1 27 ? 4.625  0.196   5.570   1.00 0.00 ? 27 LEU A HD12 1 
ATOM   432 H HD13 . LEU A 1 27 ? 5.434  -0.936  6.680   1.00 0.00 ? 27 LEU A HD13 1 
ATOM   433 H HD21 . LEU A 1 27 ? 5.887  2.177   6.526   1.00 0.00 ? 27 LEU A HD21 1 
ATOM   434 H HD22 . LEU A 1 27 ? 5.957  2.375   8.292   1.00 0.00 ? 27 LEU A HD22 1 
ATOM   435 H HD23 . LEU A 1 27 ? 6.766  0.998   7.530   1.00 0.00 ? 27 LEU A HD23 1 
ATOM   436 N N    . ALA A 1 28 ? 0.552  2.845   8.880   1.00 0.00 ? 28 ALA A N    1 
ATOM   437 C CA   . ALA A 1 28 ? -0.023 3.892   9.698   1.00 0.00 ? 28 ALA A CA   1 
ATOM   438 C C    . ALA A 1 28 ? -0.851 3.245   10.795  1.00 0.00 ? 28 ALA A C    1 
ATOM   439 O O    . ALA A 1 28 ? -0.677 3.543   11.974  1.00 0.00 ? 28 ALA A O    1 
ATOM   440 C CB   . ALA A 1 28 ? -0.865 4.835   8.833   1.00 0.00 ? 28 ALA A CB   1 
ATOM   441 H H    . ALA A 1 28 ? 0.122  2.625   7.988   1.00 0.00 ? 28 ALA A H    1 
ATOM   442 H HA   . ALA A 1 28 ? 0.786  4.462   10.154  1.00 0.00 ? 28 ALA A HA   1 
ATOM   443 H HB1  . ALA A 1 28 ? -0.239 5.272   8.055   1.00 0.00 ? 28 ALA A HB1  1 
ATOM   444 H HB2  . ALA A 1 28 ? -1.268 5.635   9.455   1.00 0.00 ? 28 ALA A HB2  1 
ATOM   445 H HB3  . ALA A 1 28 ? -1.688 4.292   8.370   1.00 0.00 ? 28 ALA A HB3  1 
ATOM   446 N N    . GLN A 1 29 ? -1.737 2.323   10.425  1.00 0.00 ? 29 GLN A N    1 
ATOM   447 C CA   . GLN A 1 29 ? -2.587 1.642   11.381  1.00 0.00 ? 29 GLN A CA   1 
ATOM   448 C C    . GLN A 1 29 ? -1.733 0.811   12.337  1.00 0.00 ? 29 GLN A C    1 
ATOM   449 O O    . GLN A 1 29 ? -2.014 0.735   13.526  1.00 0.00 ? 29 GLN A O    1 
ATOM   450 C CB   . GLN A 1 29 ? -3.622 0.791   10.641  1.00 0.00 ? 29 GLN A CB   1 
ATOM   451 C CG   . GLN A 1 29 ? -4.603 0.139   11.626  1.00 0.00 ? 29 GLN A CG   1 
ATOM   452 C CD   . GLN A 1 29 ? -5.775 -0.526  10.910  1.00 0.00 ? 29 GLN A CD   1 
ATOM   453 O OE1  . GLN A 1 29 ? -6.430 0.080   10.073  1.00 0.00 ? 29 GLN A OE1  1 
ATOM   454 N NE2  . GLN A 1 29 ? -6.084 -1.775  11.235  1.00 0.00 ? 29 GLN A NE2  1 
ATOM   455 H H    . GLN A 1 29 ? -1.799 2.057   9.450   1.00 0.00 ? 29 GLN A H    1 
ATOM   456 H HA   . GLN A 1 29 ? -3.116 2.400   11.950  1.00 0.00 ? 29 GLN A HA   1 
ATOM   457 H HB2  . GLN A 1 29 ? -4.175 1.436   9.957   1.00 0.00 ? 29 GLN A HB2  1 
ATOM   458 H HB3  . GLN A 1 29 ? -3.114 0.021   10.064  1.00 0.00 ? 29 GLN A HB3  1 
ATOM   459 H HG2  . GLN A 1 29 ? -4.075 -0.602  12.225  1.00 0.00 ? 29 GLN A HG2  1 
ATOM   460 H HG3  . GLN A 1 29 ? -5.002 0.905   12.292  1.00 0.00 ? 29 GLN A HG3  1 
ATOM   461 H HE21 . GLN A 1 29 ? -5.568 -2.293  11.926  1.00 0.00 ? 29 GLN A HE21 1 
ATOM   462 H HE22 . GLN A 1 29 ? -6.867 -2.179  10.747  1.00 0.00 ? 29 GLN A HE22 1 
ATOM   463 N N    . GLN A 1 30 ? -0.676 0.192   11.822  1.00 0.00 ? 30 GLN A N    1 
ATOM   464 C CA   . GLN A 1 30 ? 0.182  -0.736  12.536  1.00 0.00 ? 30 GLN A CA   1 
ATOM   465 C C    . GLN A 1 30 ? 1.321  -0.007  13.234  1.00 0.00 ? 30 GLN A C    1 
ATOM   466 O O    . GLN A 1 30 ? 2.050  -0.602  14.015  1.00 0.00 ? 30 GLN A O    1 
ATOM   467 C CB   . GLN A 1 30 ? 0.692  -1.786  11.546  1.00 0.00 ? 30 GLN A CB   1 
ATOM   468 C CG   . GLN A 1 30 ? 1.312  -3.004  12.241  1.00 0.00 ? 30 GLN A CG   1 
ATOM   469 C CD   . GLN A 1 30 ? 1.432  -4.214  11.314  1.00 0.00 ? 30 GLN A CD   1 
ATOM   470 O OE1  . GLN A 1 30 ? 1.419  -4.105  10.091  1.00 0.00 ? 30 GLN A OE1  1 
ATOM   471 N NE2  . GLN A 1 30 ? 1.540  -5.406  11.887  1.00 0.00 ? 30 GLN A NE2  1 
ATOM   472 H H    . GLN A 1 30 ? -0.434 0.403   10.871  1.00 0.00 ? 30 GLN A H    1 
ATOM   473 H HA   . GLN A 1 30 ? -0.417 -1.231  13.291  1.00 0.00 ? 30 GLN A HA   1 
ATOM   474 H HB2  . GLN A 1 30 ? -0.162 -2.110  10.954  1.00 0.00 ? 30 GLN A HB2  1 
ATOM   475 H HB3  . GLN A 1 30 ? 1.427  -1.333  10.885  1.00 0.00 ? 30 GLN A HB3  1 
ATOM   476 H HG2  . GLN A 1 30 ? 2.306  -2.745  12.608  1.00 0.00 ? 30 GLN A HG2  1 
ATOM   477 H HG3  . GLN A 1 30 ? 0.687  -3.279  13.092  1.00 0.00 ? 30 GLN A HG3  1 
ATOM   478 H HE21 . GLN A 1 30 ? 1.559  -5.498  12.891  1.00 0.00 ? 30 GLN A HE21 1 
ATOM   479 H HE22 . GLN A 1 30 ? 1.614  -6.213  11.289  1.00 0.00 ? 30 GLN A HE22 1 
ATOM   480 N N    . ALA A 1 31 ? 1.451  1.292   12.991  1.00 0.00 ? 31 ALA A N    1 
ATOM   481 C CA   . ALA A 1 31 ? 2.285  2.177   13.769  1.00 0.00 ? 31 ALA A CA   1 
ATOM   482 C C    . ALA A 1 31 ? 1.478  2.619   14.974  1.00 0.00 ? 31 ALA A C    1 
ATOM   483 O O    . ALA A 1 31 ? 1.869  2.368   16.098  1.00 0.00 ? 31 ALA A O    1 
ATOM   484 C CB   . ALA A 1 31 ? 2.712  3.399   12.951  1.00 0.00 ? 31 ALA A CB   1 
ATOM   485 H H    . ALA A 1 31 ? 0.827  1.697   12.322  1.00 0.00 ? 31 ALA A H    1 
ATOM   486 H HA   . ALA A 1 31 ? 3.169  1.641   14.103  1.00 0.00 ? 31 ALA A HA   1 
ATOM   487 H HB1  . ALA A 1 31 ? 1.851  3.833   12.443  1.00 0.00 ? 31 ALA A HB1  1 
ATOM   488 H HB2  . ALA A 1 31 ? 3.156  4.146   13.610  1.00 0.00 ? 31 ALA A HB2  1 
ATOM   489 H HB3  . ALA A 1 31 ? 3.456  3.102   12.213  1.00 0.00 ? 31 ALA A HB3  1 
ATOM   490 N N    . HIS A 1 32 ? 0.356  3.294   14.747  1.00 0.00 ? 32 HIS A N    1 
ATOM   491 C CA   . HIS A 1 32 ? -0.394 4.025   15.742  1.00 0.00 ? 32 HIS A CA   1 
ATOM   492 C C    . HIS A 1 32 ? -1.078 3.040   16.659  1.00 0.00 ? 32 HIS A C    1 
ATOM   493 O O    . HIS A 1 32 ? -1.025 3.209   17.866  1.00 0.00 ? 32 HIS A O    1 
ATOM   494 C CB   . HIS A 1 32 ? -1.433 4.929   15.069  1.00 0.00 ? 32 HIS A CB   1 
ATOM   495 C CG   . HIS A 1 32 ? -1.632 6.250   15.772  1.00 0.00 ? 32 HIS A CG   1 
ATOM   496 N ND1  . HIS A 1 32 ? -2.088 7.409   15.184  1.00 0.00 ? 32 HIS A ND1  1 
ATOM   497 C CD2  . HIS A 1 32 ? -1.380 6.526   17.092  1.00 0.00 ? 32 HIS A CD2  1 
ATOM   498 C CE1  . HIS A 1 32 ? -2.104 8.364   16.131  1.00 0.00 ? 32 HIS A CE1  1 
ATOM   499 N NE2  . HIS A 1 32 ? -1.679 7.874   17.307  1.00 0.00 ? 32 HIS A NE2  1 
ATOM   500 H H    . HIS A 1 32 ? 0.000  3.328   13.821  1.00 0.00 ? 32 HIS A H    1 
ATOM   501 H HA   . HIS A 1 32 ? 0.312  4.626   16.315  1.00 0.00 ? 32 HIS A HA   1 
ATOM   502 H HB2  . HIS A 1 32 ? -1.114 5.123   14.048  1.00 0.00 ? 32 HIS A HB2  1 
ATOM   503 H HB3  . HIS A 1 32 ? -2.393 4.417   15.006  1.00 0.00 ? 32 HIS A HB3  1 
ATOM   504 H HD1  . HIS A 1 32 ? -2.366 7.524   14.220  1.00 0.00 ? 32 HIS A HD1  1 
ATOM   505 H HD2  . HIS A 1 32 ? -1.008 5.839   17.838  1.00 0.00 ? 32 HIS A HD2  1 
ATOM   506 H HE1  . HIS A 1 32 ? -2.415 9.387   15.974  1.00 0.00 ? 32 HIS A HE1  1 
ATOM   507 N N    . SER A 1 33 ? -1.705 2.010   16.091  1.00 0.00 ? 33 SER A N    1 
ATOM   508 C CA   . SER A 1 33 ? -2.303 0.952   16.896  1.00 0.00 ? 33 SER A CA   1 
ATOM   509 C C    . SER A 1 33 ? -1.217 0.287   17.730  1.00 0.00 ? 33 SER A C    1 
ATOM   510 O O    . SER A 1 33 ? -1.323 0.201   18.952  1.00 0.00 ? 33 SER A O    1 
ATOM   511 C CB   . SER A 1 33 ? -3.050 -0.060  16.023  1.00 0.00 ? 33 SER A CB   1 
ATOM   512 O OG   . SER A 1 33 ? -3.831 -0.914  16.831  1.00 0.00 ? 33 SER A OG   1 
ATOM   513 H H    . SER A 1 33 ? -1.709 1.957   15.078  1.00 0.00 ? 33 SER A H    1 
ATOM   514 H HA   . SER A 1 33 ? -3.012 1.407   17.578  1.00 0.00 ? 33 SER A HA   1 
ATOM   515 H HB2  . SER A 1 33 ? -3.711 0.470   15.336  1.00 0.00 ? 33 SER A HB2  1 
ATOM   516 H HB3  . SER A 1 33 ? -2.337 -0.660  15.457  1.00 0.00 ? 33 SER A HB3  1 
ATOM   517 H HG   . SER A 1 33 ? -4.272 -1.556  16.268  1.00 0.00 ? 33 SER A HG   1 
ATOM   518 N N    . ASN A 1 34 ? -0.131 -0.136  17.079  1.00 0.00 ? 34 ASN A N    1 
ATOM   519 C CA   . ASN A 1 34 ? 0.934  -0.844  17.787  1.00 0.00 ? 34 ASN A CA   1 
ATOM   520 C C    . ASN A 1 34 ? 1.568  0.026   18.864  1.00 0.00 ? 34 ASN A C    1 
ATOM   521 O O    . ASN A 1 34 ? 1.967  -0.466  19.906  1.00 0.00 ? 34 ASN A O    1 
ATOM   522 C CB   . ASN A 1 34 ? 2.022  -1.303  16.820  1.00 0.00 ? 34 ASN A CB   1 
ATOM   523 C CG   . ASN A 1 34 ? 3.088  -2.107  17.549  1.00 0.00 ? 34 ASN A CG   1 
ATOM   524 O OD1  . ASN A 1 34 ? 2.786  -3.118  18.169  1.00 0.00 ? 34 ASN A OD1  1 
ATOM   525 N ND2  . ASN A 1 34 ? 4.343  -1.683  17.483  1.00 0.00 ? 34 ASN A ND2  1 
ATOM   526 H H    . ASN A 1 34 ? -0.058 0.061   16.087  1.00 0.00 ? 34 ASN A H    1 
ATOM   527 H HA   . ASN A 1 34 ? 0.508  -1.722  18.274  1.00 0.00 ? 34 ASN A HA   1 
ATOM   528 H HB2  . ASN A 1 34 ? 1.579  -1.938  16.052  1.00 0.00 ? 34 ASN A HB2  1 
ATOM   529 H HB3  . ASN A 1 34 ? 2.479  -0.425  16.364  1.00 0.00 ? 34 ASN A HB3  1 
ATOM   530 H HD21 . ASN A 1 34 ? 4.597  -0.864  16.956  1.00 0.00 ? 34 ASN A HD21 1 
ATOM   531 H HD22 . ASN A 1 34 ? 5.032  -2.217  17.989  1.00 0.00 ? 34 ASN A HD22 1 
ATOM   532 N N    . ARG A 1 35 ? 1.684  1.324   18.608  1.00 0.00 ? 35 ARG A N    1 
ATOM   533 C CA   . ARG A 1 35 ? 2.306  2.309   19.453  1.00 0.00 ? 35 ARG A CA   1 
ATOM   534 C C    . ARG A 1 35 ? 1.354  2.643   20.574  1.00 0.00 ? 35 ARG A C    1 
ATOM   535 O O    . ARG A 1 35 ? 1.822  2.991   21.636  1.00 0.00 ? 35 ARG A O    1 
ATOM   536 C CB   . ARG A 1 35 ? 2.672  3.558   18.640  1.00 0.00 ? 35 ARG A CB   1 
ATOM   537 C CG   . ARG A 1 35 ? 3.457  4.592   19.452  1.00 0.00 ? 35 ARG A CG   1 
ATOM   538 C CD   . ARG A 1 35 ? 3.693  5.836   18.589  1.00 0.00 ? 35 ARG A CD   1 
ATOM   539 N NE   . ARG A 1 35 ? 3.975  7.009   19.425  1.00 0.00 ? 35 ARG A NE   1 
ATOM   540 C CZ   . ARG A 1 35 ? 4.062  8.266   18.976  1.00 0.00 ? 35 ARG A CZ   1 
ATOM   541 N NH1  . ARG A 1 35 ? 4.024  8.514   17.664  1.00 0.00 ? 35 ARG A NH1  1 
ATOM   542 N NH2  . ARG A 1 35 ? 4.181  9.273   19.842  1.00 0.00 ? 35 ARG A NH2  1 
ATOM   543 H H    . ARG A 1 35 ? 1.228  1.691   17.806  1.00 0.00 ? 35 ARG A H    1 
ATOM   544 H HA   . ARG A 1 35 ? 3.204  1.869   19.872  1.00 0.00 ? 35 ARG A HA   1 
ATOM   545 H HB2  . ARG A 1 35 ? 3.295  3.264   17.797  1.00 0.00 ? 35 ARG A HB2  1 
ATOM   546 H HB3  . ARG A 1 35 ? 1.754  4.015   18.267  1.00 0.00 ? 35 ARG A HB3  1 
ATOM   547 H HG2  . ARG A 1 35 ? 2.894  4.879   20.338  1.00 0.00 ? 35 ARG A HG2  1 
ATOM   548 H HG3  . ARG A 1 35 ? 4.417  4.173   19.757  1.00 0.00 ? 35 ARG A HG3  1 
ATOM   549 H HD2  . ARG A 1 35 ? 4.521  5.649   17.904  1.00 0.00 ? 35 ARG A HD2  1 
ATOM   550 H HD3  . ARG A 1 35 ? 2.791  6.036   18.010  1.00 0.00 ? 35 ARG A HD3  1 
ATOM   551 H HE   . ARG A 1 35 ? 4.005  6.836   20.421  1.00 0.00 ? 35 ARG A HE   1 
ATOM   552 H HH11 . ARG A 1 35 ? 3.940  7.747   17.016  1.00 0.00 ? 35 ARG A HH11 1 
ATOM   553 H HH12 . ARG A 1 35 ? 4.070  9.449   17.290  1.00 0.00 ? 35 ARG A HH12 1 
ATOM   554 H HH21 . ARG A 1 35 ? 4.158  9.093   20.838  1.00 0.00 ? 35 ARG A HH21 1 
ATOM   555 H HH22 . ARG A 1 35 ? 4.243  10.233  19.542  1.00 0.00 ? 35 ARG A HH22 1 
ATOM   556 N N    . LYS A 1 36 ? 0.042  2.537   20.379  1.00 0.00 ? 36 LYS A N    1 
ATOM   557 C CA   . LYS A 1 36 ? -0.912 2.718   21.464  1.00 0.00 ? 36 LYS A CA   1 
ATOM   558 C C    . LYS A 1 36 ? -0.802 1.556   22.445  1.00 0.00 ? 36 LYS A C    1 
ATOM   559 O O    . LYS A 1 36 ? -0.694 1.748   23.650  1.00 0.00 ? 36 LYS A O    1 
ATOM   560 C CB   . LYS A 1 36 ? -2.330 2.894   20.933  1.00 0.00 ? 36 LYS A CB   1 
ATOM   561 C CG   . LYS A 1 36 ? -3.168 3.752   21.891  1.00 0.00 ? 36 LYS A CG   1 
ATOM   562 C CD   . LYS A 1 36 ? -4.565 4.010   21.319  1.00 0.00 ? 36 LYS A CD   1 
ATOM   563 C CE   . LYS A 1 36 ? -5.284 5.041   22.196  1.00 0.00 ? 36 LYS A CE   1 
ATOM   564 N NZ   . LYS A 1 36 ? -6.659 5.313   21.722  1.00 0.00 ? 36 LYS A NZ   1 
ATOM   565 H H    . LYS A 1 36 ? -0.278 2.316   19.447  1.00 0.00 ? 36 LYS A H    1 
ATOM   566 H HA   . LYS A 1 36 ? -0.652 3.636   21.965  1.00 0.00 ? 36 LYS A HA   1 
ATOM   567 H HB2  . LYS A 1 36 ? -2.274 3.405   19.980  1.00 0.00 ? 36 LYS A HB2  1 
ATOM   568 H HB3  . LYS A 1 36 ? -2.788 1.922   20.795  1.00 0.00 ? 36 LYS A HB3  1 
ATOM   569 H HG2  . LYS A 1 36 ? -3.255 3.251   22.855  1.00 0.00 ? 36 LYS A HG2  1 
ATOM   570 H HG3  . LYS A 1 36 ? -2.669 4.711   22.034  1.00 0.00 ? 36 LYS A HG3  1 
ATOM   571 H HD2  . LYS A 1 36 ? -4.475 4.398   20.303  1.00 0.00 ? 36 LYS A HD2  1 
ATOM   572 H HD3  . LYS A 1 36 ? -5.126 3.074   21.300  1.00 0.00 ? 36 LYS A HD3  1 
ATOM   573 H HE2  . LYS A 1 36 ? -5.316 4.670   23.223  1.00 0.00 ? 36 LYS A HE2  1 
ATOM   574 H HE3  . LYS A 1 36 ? -4.706 5.967   22.188  1.00 0.00 ? 36 LYS A HE3  1 
ATOM   575 H HZ1  . LYS A 1 36 ? -6.637 5.658   20.772  1.00 0.00 ? 36 LYS A HZ1  1 
ATOM   576 H HZ2  . LYS A 1 36 ? -7.211 4.468   21.756  1.00 0.00 ? 36 LYS A HZ2  1 
ATOM   577 H HZ3  . LYS A 1 36 ? -7.092 6.010   22.313  1.00 0.00 ? 36 LYS A HZ3  1 
ATOM   578 N N    . LEU A 1 37 ? -0.815 0.332   21.919  1.00 0.00 ? 37 LEU A N    1 
ATOM   579 C CA   . LEU A 1 37 ? -0.659 -0.880  22.720  1.00 0.00 ? 37 LEU A CA   1 
ATOM   580 C C    . LEU A 1 37 ? 0.677  -0.863  23.455  1.00 0.00 ? 37 LEU A C    1 
ATOM   581 O O    . LEU A 1 37 ? 0.748  -1.134  24.649  1.00 0.00 ? 37 LEU A O    1 
ATOM   582 C CB   . LEU A 1 37 ? -0.764 -2.132  21.828  1.00 0.00 ? 37 LEU A CB   1 
ATOM   583 C CG   . LEU A 1 37 ? -2.185 -2.724  21.800  1.00 0.00 ? 37 LEU A CG   1 
ATOM   584 C CD1  . LEU A 1 37 ? -2.725 -2.800  20.370  1.00 0.00 ? 37 LEU A CD1  1 
ATOM   585 C CD2  . LEU A 1 37 ? -2.174 -4.132  22.405  1.00 0.00 ? 37 LEU A CD2  1 
ATOM   586 H H    . LEU A 1 37 ? -0.901 0.270   20.912  1.00 0.00 ? 37 LEU A H    1 
ATOM   587 H HA   . LEU A 1 37 ? -1.431 -0.897  23.485  1.00 0.00 ? 37 LEU A HA   1 
ATOM   588 H HB2  . LEU A 1 37 ? -0.433 -1.892  20.816  1.00 0.00 ? 37 LEU A HB2  1 
ATOM   589 H HB3  . LEU A 1 37 ? -0.081 -2.892  22.210  1.00 0.00 ? 37 LEU A HB3  1 
ATOM   590 H HG   . LEU A 1 37 ? -2.861 -2.102  22.387  1.00 0.00 ? 37 LEU A HG   1 
ATOM   591 H HD11 . LEU A 1 37 ? -2.069 -3.413  19.753  1.00 0.00 ? 37 LEU A HD11 1 
ATOM   592 H HD12 . LEU A 1 37 ? -3.724 -3.238  20.378  1.00 0.00 ? 37 LEU A HD12 1 
ATOM   593 H HD13 . LEU A 1 37 ? -2.785 -1.798  19.947  1.00 0.00 ? 37 LEU A HD13 1 
ATOM   594 H HD21 . LEU A 1 37 ? -1.802 -4.090  23.429  1.00 0.00 ? 37 LEU A HD21 1 
ATOM   595 H HD22 . LEU A 1 37 ? -3.185 -4.539  22.416  1.00 0.00 ? 37 LEU A HD22 1 
ATOM   596 H HD23 . LEU A 1 37 ? -1.532 -4.788  21.816  1.00 0.00 ? 37 LEU A HD23 1 
ATOM   597 N N    . MET A 1 38 ? 1.742  -0.545  22.733  1.00 0.00 ? 38 MET A N    1 
ATOM   598 C CA   . MET A 1 38 ? 3.096  -0.516  23.254  1.00 0.00 ? 38 MET A CA   1 
ATOM   599 C C    . MET A 1 38 ? 3.196  0.568   24.309  1.00 0.00 ? 38 MET A C    1 
ATOM   600 O O    . MET A 1 38 ? 3.806  0.375   25.356  1.00 0.00 ? 38 MET A O    1 
ATOM   601 C CB   . MET A 1 38 ? 4.066  -0.234  22.115  1.00 0.00 ? 38 MET A CB   1 
ATOM   602 C CG   . MET A 1 38 ? 5.523  -0.339  22.567  1.00 0.00 ? 38 MET A CG   1 
ATOM   603 S SD   . MET A 1 38 ? 6.705  0.256   21.333  1.00 0.00 ? 38 MET A SD   1 
ATOM   604 C CE   . MET A 1 38 ? 8.216  0.140   22.324  1.00 0.00 ? 38 MET A CE   1 
ATOM   605 H H    . MET A 1 38 ? 1.586  -0.268  21.780  1.00 0.00 ? 38 MET A H    1 
ATOM   606 H HA   . MET A 1 38 ? 3.334  -1.485  23.684  1.00 0.00 ? 38 MET A HA   1 
ATOM   607 H HB2  . MET A 1 38 ? 3.880  -0.971  21.346  1.00 0.00 ? 38 MET A HB2  1 
ATOM   608 H HB3  . MET A 1 38 ? 3.883  0.762   21.714  1.00 0.00 ? 38 MET A HB3  1 
ATOM   609 H HG2  . MET A 1 38 ? 5.659  0.251   23.473  1.00 0.00 ? 38 MET A HG2  1 
ATOM   610 H HG3  . MET A 1 38 ? 5.746  -1.381  22.801  1.00 0.00 ? 38 MET A HG3  1 
ATOM   611 H HE1  . MET A 1 38 ? 8.074  0.666   23.268  1.00 0.00 ? 38 MET A HE1  1 
ATOM   612 H HE2  . MET A 1 38 ? 8.440  -0.908  22.522  1.00 0.00 ? 38 MET A HE2  1 
ATOM   613 H HE3  . MET A 1 38 ? 9.044  0.593   21.778  1.00 0.00 ? 38 MET A HE3  1 
ATOM   614 N N    . GLU A 1 39 ? 2.584  1.711   24.016  1.00 0.00 ? 39 GLU A N    1 
ATOM   615 C CA   . GLU A 1 39 ? 2.546  2.828   24.954  1.00 0.00 ? 39 GLU A CA   1 
ATOM   616 C C    . GLU A 1 39 ? 1.830  2.404   26.234  1.00 0.00 ? 39 GLU A C    1 
ATOM   617 O O    . GLU A 1 39 ? 2.165  2.882   27.315  1.00 0.00 ? 39 GLU A O    1 
ATOM   618 C CB   . GLU A 1 39 ? 1.899  4.030   24.265  1.00 0.00 ? 39 GLU A CB   1 
ATOM   619 C CG   . GLU A 1 39 ? 1.687  5.281   25.115  1.00 0.00 ? 39 GLU A CG   1 
ATOM   620 C CD   . GLU A 1 39 ? 1.185  6.411   24.208  1.00 0.00 ? 39 GLU A CD   1 
ATOM   621 O OE1  . GLU A 1 39 ? 2.046  7.111   23.623  1.00 0.00 ? 39 GLU A OE1  1 
ATOM   622 O OE2  . GLU A 1 39 ? -0.053 6.533   24.071  1.00 0.00 ? 39 GLU A OE2  1 
ATOM   623 H H    . GLU A 1 39 ? 2.077  1.780   23.129  1.00 0.00 ? 39 GLU A H    1 
ATOM   624 H HA   . GLU A 1 39 ? 3.566  3.099   25.219  1.00 0.00 ? 39 GLU A HA   1 
ATOM   625 H HB2  . GLU A 1 39 ? 2.556  4.317   23.445  1.00 0.00 ? 39 GLU A HB2  1 
ATOM   626 H HB3  . GLU A 1 39 ? 0.936  3.720   23.864  1.00 0.00 ? 39 GLU A HB3  1 
ATOM   627 H HG2  . GLU A 1 39 ? 0.954  5.078   25.898  1.00 0.00 ? 39 GLU A HG2  1 
ATOM   628 H HG3  . GLU A 1 39 ? 2.632  5.569   25.578  1.00 0.00 ? 39 GLU A HG3  1 
ATOM   629 N N    . ILE A 1 40 ? 0.868  1.480   26.132  1.00 0.00 ? 40 ILE A N    1 
ATOM   630 C CA   . ILE A 1 40 ? 0.164  1.013   27.319  1.00 0.00 ? 40 ILE A CA   1 
ATOM   631 C C    . ILE A 1 40 ? 1.078  0.128   28.154  1.00 0.00 ? 40 ILE A C    1 
ATOM   632 O O    . ILE A 1 40 ? 1.172  0.293   29.368  1.00 0.00 ? 40 ILE A O    1 
ATOM   633 C CB   . ILE A 1 40 ? -1.181 0.338   26.965  1.00 0.00 ? 40 ILE A CB   1 
ATOM   634 C CG1  . ILE A 1 40 ? -2.315 1.053   27.721  1.00 0.00 ? 40 ILE A CG1  1 
ATOM   635 C CG2  . ILE A 1 40 ? -1.286 -1.176  27.236  1.00 0.00 ? 40 ILE A CG2  1 
ATOM   636 C CD1  . ILE A 1 40 ? -2.060 1.176   29.232  1.00 0.00 ? 40 ILE A CD1  1 
ATOM   637 H H    . ILE A 1 40 ? 0.683  1.072   25.219  1.00 0.00 ? 40 ILE A H    1 
ATOM   638 H HA   . ILE A 1 40 ? -0.041 1.905   27.907  1.00 0.00 ? 40 ILE A HA   1 
ATOM   639 H HB   . ILE A 1 40 ? -1.353 0.471   25.897  1.00 0.00 ? 40 ILE A HB   1 
ATOM   640 H HG12 . ILE A 1 40 ? -2.445 2.053   27.308  1.00 0.00 ? 40 ILE A HG12 1 
ATOM   641 H HG13 . ILE A 1 40 ? -3.244 0.506   27.561  1.00 0.00 ? 40 ILE A HG13 1 
ATOM   642 H HG21 . ILE A 1 40 ? -1.122 -1.406  28.288  1.00 0.00 ? 40 ILE A HG21 1 
ATOM   643 H HG22 . ILE A 1 40 ? -2.279 -1.528  26.956  1.00 0.00 ? 40 ILE A HG22 1 
ATOM   644 H HG23 . ILE A 1 40 ? -0.562 -1.723  26.637  1.00 0.00 ? 40 ILE A HG23 1 
ATOM   645 H HD11 . ILE A 1 40 ? -1.505 0.318   29.605  1.00 0.00 ? 40 ILE A HD11 1 
ATOM   646 H HD12 . ILE A 1 40 ? -1.483 2.076   29.444  1.00 0.00 ? 40 ILE A HD12 1 
ATOM   647 H HD13 . ILE A 1 40 ? -3.012 1.242   29.757  1.00 0.00 ? 40 ILE A HD13 1 
ATOM   648 N N    . ILE A 1 41 ? 1.762  -0.819  27.513  1.00 0.00 ? 41 ILE A N    1 
ATOM   649 C CA   . ILE A 1 41 ? 2.635  -1.759  28.209  1.00 0.00 ? 41 ILE A CA   1 
ATOM   650 C C    . ILE A 1 41 ? 4.031  -1.144  28.393  1.00 0.00 ? 41 ILE A C    1 
ATOM   651 O O    . ILE A 1 41 ? 5.046  -1.833  28.335  1.00 0.00 ? 41 ILE A O    1 
ATOM   652 C CB   . ILE A 1 41 ? 2.591  -3.116  27.471  1.00 0.00 ? 41 ILE A CB   1 
ATOM   653 C CG1  . ILE A 1 41 ? 3.057  -4.270  28.374  1.00 0.00 ? 41 ILE A CG1  1 
ATOM   654 C CG2  . ILE A 1 41 ? 3.362  -3.100  26.146  1.00 0.00 ? 41 ILE A CG2  1 
ATOM   655 C CD1  . ILE A 1 41 ? 2.656  -5.631  27.799  1.00 0.00 ? 41 ILE A CD1  1 
ATOM   656 H H    . ILE A 1 41 ? 1.647  -0.882  26.509  1.00 0.00 ? 41 ILE A H    1 
ATOM   657 H HA   . ILE A 1 41 ? 2.222  -1.918  29.206  1.00 0.00 ? 41 ILE A HA   1 
ATOM   658 H HB   . ILE A 1 41 ? 1.542  -3.302  27.233  1.00 0.00 ? 41 ILE A HB   1 
ATOM   659 H HG12 . ILE A 1 41 ? 4.139  -4.238  28.501  1.00 0.00 ? 41 ILE A HG12 1 
ATOM   660 H HG13 . ILE A 1 41 ? 2.591  -4.166  29.354  1.00 0.00 ? 41 ILE A HG13 1 
ATOM   661 H HG21 . ILE A 1 41 ? 3.200  -2.150  25.653  1.00 0.00 ? 41 ILE A HG21 1 
ATOM   662 H HG22 . ILE A 1 41 ? 4.431  -3.225  26.324  1.00 0.00 ? 41 ILE A HG22 1 
ATOM   663 H HG23 . ILE A 1 41 ? 3.013  -3.902  25.497  1.00 0.00 ? 41 ILE A HG23 1 
ATOM   664 H HD11 . ILE A 1 41 ? 1.574  -5.674  27.665  1.00 0.00 ? 41 ILE A HD11 1 
ATOM   665 H HD12 . ILE A 1 41 ? 3.146  -5.798  26.839  1.00 0.00 ? 41 ILE A HD12 1 
ATOM   666 H HD13 . ILE A 1 41 ? 2.958  -6.419  28.488  1.00 0.00 ? 41 ILE A HD13 1 
HETATM 667 N N    . NH2 A 1 42 ? 4.097  0.161   28.655  1.00 0.00 ? 42 NH2 A N    1 
HETATM 668 H HN1  . NH2 A 1 42 ? 5.000  0.598   28.746  1.00 0.00 ? 42 NH2 A HN1  1 
HETATM 669 H HN2  . NH2 A 1 42 ? 3.248  0.707   28.742  1.00 0.00 ? 42 NH2 A HN2  1 
# 
